data_2O3I
#
_entry.id   2O3I
#
_cell.length_a   92.336
_cell.length_b   125.608
_cell.length_c   65.349
_cell.angle_alpha   90.00
_cell.angle_beta   90.00
_cell.angle_gamma   90.00
#
_symmetry.space_group_name_H-M   'P 21 21 2'
#
loop_
_entity.id
_entity.type
_entity.pdbx_description
1 polymer 'Hypothetical protein'
2 water water
#
_entity_poly.entity_id   1
_entity_poly.type   'polypeptide(L)'
_entity_poly.pdbx_seq_one_letter_code
;(MSE)AFELSPSDLEPLLQGACFFGSGGGGT(MSE)ISARHLAANFRKGDYYPTDKVRVVDVDEATDGDCV(MSE)VAY
(MSE)GAPDAINQVQWPNGPVEAALAARQRLESQGRKLAYVVAPESGALGFVVASLVAAKLGLAVVDADGAGRAVPSLP
(MSE)LTYAAAGVPPTPAFLAGESGLCVELGVR(MSE)PPPDGQRREDISTVVEQ(MSE)LRPILTNPQFGQFGGLA
(MSE)W(MSE)(MSE)SPAQLGGALPVRGTLSRALKLGRALQDGKVKTAEA(MSE)LDFLRRELDIKGKLLFGPATLASP
EVSTAGGFDLGKVVLEDGERRCTVLYQNESLLAWDSALSHPLATAPDAISYFVEGEGQHVFSNGDLSGNDHGLDPSVRGR
KAAVIALPAAAPLSEGLILQSFADELAQLGYLGPYAPVDAGRERARLEHHHHHH
;
_entity_poly.pdbx_strand_id   A,B
#
# COMPACT_ATOMS: atom_id res chain seq x y z
N ALA A 2 -30.89 15.99 15.49
CA ALA A 2 -32.06 16.84 15.10
C ALA A 2 -33.23 15.98 14.63
N PHE A 3 -32.96 14.98 13.79
CA PHE A 3 -34.02 14.10 13.30
C PHE A 3 -33.55 12.64 13.18
N GLU A 4 -34.44 11.74 12.77
CA GLU A 4 -34.06 10.34 12.63
C GLU A 4 -34.56 9.67 11.36
N LEU A 5 -33.83 8.64 10.95
CA LEU A 5 -34.17 7.90 9.74
C LEU A 5 -34.67 6.51 10.11
N SER A 6 -35.58 5.99 9.30
CA SER A 6 -36.13 4.65 9.49
C SER A 6 -35.74 3.87 8.25
N PRO A 7 -35.92 2.53 8.26
CA PRO A 7 -35.55 1.77 7.06
C PRO A 7 -36.22 2.29 5.78
N SER A 8 -37.50 2.62 5.87
CA SER A 8 -38.24 3.11 4.71
C SER A 8 -37.73 4.46 4.19
N ASP A 9 -36.91 5.14 4.97
CA ASP A 9 -36.34 6.42 4.53
C ASP A 9 -35.09 6.24 3.68
N LEU A 10 -34.50 5.04 3.70
CA LEU A 10 -33.28 4.80 2.94
C LEU A 10 -33.48 4.83 1.43
N GLU A 11 -34.64 4.39 0.95
CA GLU A 11 -34.91 4.37 -0.47
C GLU A 11 -34.98 5.78 -1.06
N PRO A 12 -35.76 6.67 -0.43
CA PRO A 12 -35.80 8.03 -1.00
C PRO A 12 -34.49 8.77 -0.81
N LEU A 13 -33.80 8.46 0.29
CA LEU A 13 -32.53 9.07 0.62
C LEU A 13 -31.46 8.77 -0.43
N LEU A 14 -31.38 7.52 -0.85
CA LEU A 14 -30.39 7.13 -1.84
C LEU A 14 -30.75 7.72 -3.19
N GLN A 15 -32.05 7.83 -3.48
CA GLN A 15 -32.50 8.39 -4.75
C GLN A 15 -32.06 9.84 -4.89
N GLY A 16 -32.36 10.61 -3.86
CA GLY A 16 -32.01 12.02 -3.85
C GLY A 16 -30.51 12.20 -3.89
N ALA A 17 -29.80 11.40 -3.10
CA ALA A 17 -28.34 11.46 -3.01
C ALA A 17 -27.69 11.11 -4.35
N CYS A 18 -28.34 10.21 -5.09
CA CYS A 18 -27.84 9.80 -6.40
C CYS A 18 -27.87 11.01 -7.33
N PHE A 19 -28.97 11.75 -7.33
CA PHE A 19 -29.07 12.93 -8.16
C PHE A 19 -28.03 13.99 -7.74
N PHE A 20 -27.78 14.12 -6.44
CA PHE A 20 -26.80 15.09 -5.97
C PHE A 20 -25.38 14.53 -6.08
N GLY A 21 -25.24 13.31 -6.60
CA GLY A 21 -23.93 12.71 -6.73
C GLY A 21 -23.16 13.07 -7.98
N SER A 22 -23.76 13.88 -8.84
CA SER A 22 -23.14 14.31 -10.09
C SER A 22 -22.62 13.11 -10.91
N GLY A 23 -23.44 12.08 -11.01
CA GLY A 23 -23.08 10.89 -11.77
C GLY A 23 -22.31 9.82 -11.02
N GLY A 24 -21.65 10.20 -9.93
CA GLY A 24 -20.91 9.22 -9.15
C GLY A 24 -21.55 8.99 -7.78
N GLY A 25 -20.73 8.66 -6.80
CA GLY A 25 -21.25 8.45 -5.46
C GLY A 25 -21.77 7.06 -5.12
N GLY A 26 -21.50 6.08 -5.98
CA GLY A 26 -21.95 4.73 -5.73
C GLY A 26 -23.29 4.45 -6.37
N THR A 27 -23.50 3.23 -6.82
CA THR A 27 -24.75 2.84 -7.48
C THR A 27 -25.89 2.66 -6.49
N ILE A 29 -27.94 0.49 -6.89
CA ILE A 29 -28.00 -0.95 -6.81
C ILE A 29 -27.37 -1.47 -5.54
N SER A 30 -26.12 -1.06 -5.28
CA SER A 30 -25.43 -1.50 -4.08
C SER A 30 -26.02 -0.83 -2.85
N ALA A 31 -26.56 0.37 -3.02
CA ALA A 31 -27.16 1.09 -1.90
C ALA A 31 -28.43 0.36 -1.46
N ARG A 32 -29.20 -0.11 -2.45
CA ARG A 32 -30.44 -0.83 -2.17
C ARG A 32 -30.16 -2.20 -1.57
N HIS A 33 -29.08 -2.83 -2.03
CA HIS A 33 -28.69 -4.13 -1.51
C HIS A 33 -28.43 -4.05 -0.02
N LEU A 34 -27.80 -2.96 0.41
CA LEU A 34 -27.48 -2.76 1.82
C LEU A 34 -28.71 -2.38 2.64
N ALA A 35 -29.52 -1.48 2.10
CA ALA A 35 -30.73 -1.02 2.78
C ALA A 35 -31.78 -2.11 2.95
N ALA A 36 -31.81 -3.06 2.02
CA ALA A 36 -32.77 -4.15 2.09
C ALA A 36 -32.69 -4.96 3.37
N ASN A 37 -31.50 -5.01 3.97
CA ASN A 37 -31.29 -5.77 5.20
C ASN A 37 -31.31 -4.95 6.49
N PHE A 38 -31.63 -3.67 6.39
CA PHE A 38 -31.66 -2.82 7.58
C PHE A 38 -32.97 -3.00 8.33
N ARG A 39 -32.90 -3.56 9.53
CA ARG A 39 -34.07 -3.76 10.36
C ARG A 39 -33.55 -4.21 11.73
N LYS A 40 -34.25 -3.85 12.79
CA LYS A 40 -33.80 -4.23 14.13
C LYS A 40 -33.67 -5.76 14.22
N GLY A 41 -32.57 -6.21 14.80
CA GLY A 41 -32.35 -7.63 14.93
C GLY A 41 -31.01 -7.93 15.56
N ASP A 42 -30.43 -9.08 15.21
CA ASP A 42 -29.14 -9.47 15.73
C ASP A 42 -28.07 -8.47 15.28
N TYR A 43 -27.97 -8.29 13.96
CA TYR A 43 -26.97 -7.37 13.40
C TYR A 43 -27.20 -5.90 13.77
N TYR A 44 -28.40 -5.38 13.51
CA TYR A 44 -28.70 -3.97 13.84
C TYR A 44 -29.51 -3.88 15.12
N PRO A 45 -28.89 -3.43 16.22
CA PRO A 45 -29.62 -3.31 17.48
C PRO A 45 -30.71 -2.24 17.47
N THR A 46 -30.74 -1.44 16.42
CA THR A 46 -31.77 -0.41 16.34
C THR A 46 -32.26 -0.18 14.91
N ASP A 47 -33.51 0.26 14.83
CA ASP A 47 -34.23 0.51 13.58
C ASP A 47 -34.19 1.98 13.19
N LYS A 48 -33.79 2.83 14.12
CA LYS A 48 -33.74 4.27 13.91
C LYS A 48 -32.32 4.81 13.84
N VAL A 49 -32.11 5.75 12.93
CA VAL A 49 -30.81 6.36 12.74
C VAL A 49 -30.86 7.83 13.13
N ARG A 50 -30.12 8.17 14.18
CA ARG A 50 -30.06 9.54 14.66
C ARG A 50 -29.17 10.37 13.74
N VAL A 51 -29.71 11.50 13.27
CA VAL A 51 -28.98 12.41 12.39
C VAL A 51 -28.90 13.76 13.08
N VAL A 52 -27.69 14.29 13.23
CA VAL A 52 -27.49 15.57 13.90
C VAL A 52 -26.83 16.63 13.00
N ASP A 53 -27.07 17.90 13.32
CA ASP A 53 -26.46 18.97 12.55
C ASP A 53 -25.05 19.18 13.08
N VAL A 54 -24.19 19.78 12.27
CA VAL A 54 -22.82 20.02 12.66
C VAL A 54 -22.69 20.67 14.04
N ASP A 55 -23.50 21.69 14.31
CA ASP A 55 -23.45 22.40 15.60
C ASP A 55 -23.97 21.58 16.78
N GLU A 56 -24.54 20.42 16.50
CA GLU A 56 -25.07 19.56 17.55
C GLU A 56 -24.07 18.44 17.87
N ALA A 57 -23.19 18.15 16.91
CA ALA A 57 -22.19 17.10 17.06
C ALA A 57 -21.10 17.58 18.02
N THR A 58 -21.43 17.62 19.31
CA THR A 58 -20.50 18.10 20.31
C THR A 58 -20.17 17.13 21.47
N ASP A 59 -20.90 16.02 21.57
CA ASP A 59 -20.66 15.07 22.66
C ASP A 59 -19.63 14.00 22.33
N GLY A 60 -18.70 14.31 21.44
CA GLY A 60 -17.69 13.34 21.08
C GLY A 60 -17.08 13.61 19.73
N ASP A 61 -16.11 12.77 19.35
CA ASP A 61 -15.43 12.90 18.09
C ASP A 61 -16.15 12.25 16.91
N CYS A 62 -15.79 12.69 15.70
CA CYS A 62 -16.38 12.22 14.47
C CYS A 62 -15.33 11.61 13.54
N VAL A 63 -15.76 10.74 12.65
CA VAL A 63 -14.87 10.12 11.67
C VAL A 63 -15.63 9.91 10.37
N VAL A 65 -16.63 7.78 7.21
CA VAL A 65 -16.68 6.35 6.96
C VAL A 65 -17.30 6.07 5.60
N ALA A 66 -16.83 5.03 4.93
CA ALA A 66 -17.36 4.70 3.60
C ALA A 66 -16.86 3.38 3.05
N TYR A 67 -17.30 3.09 1.84
CA TYR A 67 -16.87 1.89 1.12
C TYR A 67 -15.97 2.46 0.03
N GLY A 69 -13.33 1.13 -3.47
CA GLY A 69 -12.94 0.04 -4.33
C GLY A 69 -13.80 -0.13 -5.57
N ALA A 70 -13.68 -1.32 -6.19
CA ALA A 70 -14.41 -1.66 -7.40
C ALA A 70 -15.92 -1.87 -7.16
N PRO A 71 -16.77 -1.17 -7.93
CA PRO A 71 -18.22 -1.32 -7.78
C PRO A 71 -18.69 -2.76 -7.97
N ASP A 72 -18.03 -3.48 -8.87
CA ASP A 72 -18.38 -4.88 -9.14
C ASP A 72 -18.44 -5.70 -7.85
N ALA A 73 -17.46 -5.47 -6.98
CA ALA A 73 -17.38 -6.17 -5.70
C ALA A 73 -18.37 -5.60 -4.70
N ILE A 74 -18.50 -4.29 -4.69
CA ILE A 74 -19.42 -3.63 -3.76
C ILE A 74 -20.89 -3.96 -4.04
N ASN A 75 -21.22 -4.23 -5.31
CA ASN A 75 -22.59 -4.57 -5.68
C ASN A 75 -23.02 -5.92 -5.11
N GLN A 76 -22.09 -6.63 -4.49
CA GLN A 76 -22.39 -7.95 -3.94
C GLN A 76 -22.59 -7.95 -2.43
N VAL A 77 -22.21 -6.85 -1.80
CA VAL A 77 -22.32 -6.72 -0.35
C VAL A 77 -23.78 -6.65 0.12
N GLN A 78 -24.05 -7.30 1.25
CA GLN A 78 -25.37 -7.33 1.86
C GLN A 78 -25.36 -6.56 3.18
N TRP A 79 -24.27 -6.67 3.92
CA TRP A 79 -24.11 -5.98 5.20
C TRP A 79 -22.79 -5.19 5.14
N PRO A 80 -22.73 -4.01 5.75
CA PRO A 80 -21.50 -3.20 5.72
C PRO A 80 -20.44 -3.61 6.76
N ASN A 81 -20.02 -4.86 6.71
CA ASN A 81 -19.01 -5.34 7.66
C ASN A 81 -17.72 -4.53 7.61
N GLY A 82 -17.24 -4.24 6.40
CA GLY A 82 -16.01 -3.47 6.26
C GLY A 82 -16.07 -2.12 6.95
N PRO A 83 -17.02 -1.25 6.59
CA PRO A 83 -17.14 0.07 7.20
C PRO A 83 -17.35 -0.01 8.72
N VAL A 84 -18.18 -0.95 9.15
CA VAL A 84 -18.42 -1.13 10.58
C VAL A 84 -17.11 -1.46 11.28
N GLU A 85 -16.36 -2.38 10.70
CA GLU A 85 -15.08 -2.79 11.29
C GLU A 85 -14.06 -1.65 11.28
N ALA A 86 -14.07 -0.83 10.23
CA ALA A 86 -13.13 0.30 10.12
C ALA A 86 -13.47 1.36 11.16
N ALA A 87 -14.76 1.66 11.31
CA ALA A 87 -15.21 2.64 12.28
C ALA A 87 -14.91 2.18 13.70
N LEU A 88 -14.94 0.86 13.91
CA LEU A 88 -14.64 0.30 15.23
C LEU A 88 -13.16 0.46 15.56
N ALA A 89 -12.32 0.36 14.53
CA ALA A 89 -10.90 0.53 14.72
C ALA A 89 -10.68 1.98 15.13
N ALA A 90 -11.37 2.91 14.47
CA ALA A 90 -11.24 4.33 14.77
C ALA A 90 -11.75 4.63 16.18
N ARG A 91 -12.82 3.96 16.58
CA ARG A 91 -13.39 4.14 17.90
C ARG A 91 -12.42 3.63 18.98
N GLN A 92 -11.82 2.48 18.71
CA GLN A 92 -10.87 1.90 19.66
C GLN A 92 -9.67 2.83 19.84
N ARG A 93 -9.17 3.37 18.74
CA ARG A 93 -8.03 4.27 18.81
C ARG A 93 -8.39 5.50 19.62
N LEU A 94 -9.58 6.05 19.40
CA LEU A 94 -10.02 7.23 20.13
C LEU A 94 -10.16 6.90 21.61
N GLU A 95 -10.62 5.69 21.91
CA GLU A 95 -10.78 5.28 23.30
C GLU A 95 -9.40 5.22 23.96
N SER A 96 -8.41 4.74 23.23
CA SER A 96 -7.06 4.64 23.79
C SER A 96 -6.47 6.02 24.04
N GLN A 97 -7.02 7.05 23.39
CA GLN A 97 -6.52 8.41 23.57
C GLN A 97 -7.43 9.21 24.49
N GLY A 98 -8.26 8.50 25.25
CA GLY A 98 -9.14 9.15 26.19
C GLY A 98 -10.30 9.92 25.59
N ARG A 99 -10.71 9.56 24.37
CA ARG A 99 -11.83 10.25 23.74
C ARG A 99 -12.90 9.29 23.25
N LYS A 100 -14.11 9.80 23.05
CA LYS A 100 -15.21 8.96 22.61
C LYS A 100 -15.67 9.23 21.18
N LEU A 101 -15.78 8.17 20.38
CA LEU A 101 -16.25 8.30 19.01
C LEU A 101 -17.77 8.35 19.15
N ALA A 102 -18.38 9.42 18.65
CA ALA A 102 -19.83 9.56 18.74
C ALA A 102 -20.51 9.88 17.41
N TYR A 103 -19.70 10.21 16.39
CA TYR A 103 -20.30 10.55 15.12
C TYR A 103 -19.57 9.98 13.91
N VAL A 104 -20.33 9.73 12.86
CA VAL A 104 -19.79 9.25 11.59
C VAL A 104 -20.30 10.26 10.57
N VAL A 105 -19.66 10.31 9.41
CA VAL A 105 -20.10 11.24 8.38
C VAL A 105 -19.70 10.73 7.00
N ALA A 106 -20.63 10.86 6.04
CA ALA A 106 -20.36 10.40 4.67
C ALA A 106 -19.27 11.27 4.08
N PRO A 107 -18.44 10.71 3.21
CA PRO A 107 -17.39 11.54 2.63
C PRO A 107 -17.92 12.54 1.61
N GLU A 108 -18.98 12.14 0.91
CA GLU A 108 -19.58 12.93 -0.16
C GLU A 108 -21.07 12.60 -0.31
N SER A 109 -21.73 13.28 -1.25
CA SER A 109 -23.14 13.04 -1.54
C SER A 109 -23.27 11.99 -2.63
N GLY A 110 -24.00 10.93 -2.33
CA GLY A 110 -24.18 9.87 -3.31
C GLY A 110 -25.01 8.75 -2.73
N ALA A 111 -25.54 7.89 -3.59
CA ALA A 111 -26.37 6.77 -3.15
C ALA A 111 -25.80 5.94 -2.01
N LEU A 112 -24.52 5.62 -2.07
CA LEU A 112 -23.88 4.80 -1.03
C LEU A 112 -23.48 5.54 0.23
N GLY A 113 -22.87 6.71 0.02
CA GLY A 113 -22.38 7.53 1.10
C GLY A 113 -23.22 7.67 2.35
N PHE A 114 -24.43 8.22 2.19
CA PHE A 114 -25.29 8.42 3.34
C PHE A 114 -25.78 7.08 3.90
N VAL A 115 -26.08 6.12 3.03
CA VAL A 115 -26.56 4.82 3.44
C VAL A 115 -25.54 4.11 4.34
N VAL A 116 -24.30 4.00 3.85
CA VAL A 116 -23.23 3.36 4.61
C VAL A 116 -23.08 4.03 5.99
N ALA A 117 -22.94 5.35 5.99
CA ALA A 117 -22.79 6.07 7.25
C ALA A 117 -23.96 5.78 8.19
N SER A 118 -25.17 5.78 7.65
CA SER A 118 -26.35 5.52 8.44
C SER A 118 -26.33 4.11 9.06
N LEU A 119 -26.01 3.12 8.25
CA LEU A 119 -25.96 1.76 8.73
C LEU A 119 -24.90 1.57 9.79
N VAL A 120 -23.75 2.22 9.62
CA VAL A 120 -22.67 2.11 10.58
C VAL A 120 -23.06 2.74 11.92
N ALA A 121 -23.69 3.91 11.87
CA ALA A 121 -24.13 4.61 13.08
C ALA A 121 -25.16 3.75 13.85
N ALA A 122 -26.11 3.18 13.12
CA ALA A 122 -27.13 2.33 13.73
C ALA A 122 -26.48 1.13 14.40
N LYS A 123 -25.46 0.59 13.75
CA LYS A 123 -24.74 -0.58 14.25
C LYS A 123 -23.88 -0.29 15.48
N LEU A 124 -23.26 0.89 15.53
CA LEU A 124 -22.38 1.23 16.63
C LEU A 124 -22.97 2.18 17.66
N GLY A 125 -24.20 2.62 17.44
CA GLY A 125 -24.83 3.52 18.37
C GLY A 125 -24.29 4.95 18.27
N LEU A 126 -23.98 5.37 17.04
CA LEU A 126 -23.46 6.71 16.81
C LEU A 126 -24.49 7.55 16.09
N ALA A 127 -24.16 8.81 15.86
CA ALA A 127 -25.05 9.70 15.13
C ALA A 127 -24.34 10.12 13.84
N VAL A 128 -25.09 10.20 12.75
CA VAL A 128 -24.54 10.60 11.46
C VAL A 128 -24.74 12.10 11.32
N VAL A 129 -23.73 12.80 10.83
CA VAL A 129 -23.82 14.25 10.67
C VAL A 129 -24.55 14.61 9.37
N ASP A 130 -25.44 15.60 9.44
CA ASP A 130 -26.20 16.02 8.26
C ASP A 130 -25.27 16.92 7.46
N ALA A 131 -24.36 16.29 6.72
CA ALA A 131 -23.37 17.00 5.93
C ALA A 131 -22.46 16.00 5.25
N ASP A 132 -21.54 16.51 4.43
CA ASP A 132 -20.53 15.71 3.77
C ASP A 132 -19.47 16.64 3.17
N GLY A 133 -18.41 16.05 2.64
CA GLY A 133 -17.30 16.82 2.10
C GLY A 133 -17.40 17.69 0.86
N ALA A 134 -18.54 17.69 0.16
CA ALA A 134 -18.62 18.50 -1.06
C ALA A 134 -20.03 18.87 -1.49
N GLY A 135 -21.01 18.05 -1.12
CA GLY A 135 -22.37 18.31 -1.53
C GLY A 135 -22.58 17.60 -2.85
N ARG A 136 -21.53 16.92 -3.31
CA ARG A 136 -21.54 16.15 -4.54
C ARG A 136 -20.57 14.98 -4.38
N ALA A 137 -20.41 14.19 -5.42
CA ALA A 137 -19.48 13.07 -5.38
C ALA A 137 -18.25 13.53 -6.17
N VAL A 138 -17.07 13.20 -5.67
CA VAL A 138 -15.84 13.62 -6.34
C VAL A 138 -14.94 12.43 -6.64
N PRO A 139 -14.13 12.52 -7.71
CA PRO A 139 -13.24 11.42 -8.07
C PRO A 139 -12.08 11.16 -7.12
N SER A 140 -11.66 12.18 -6.37
CA SER A 140 -10.55 11.97 -5.43
C SER A 140 -10.61 12.84 -4.18
N LEU A 141 -9.96 12.35 -3.12
CA LEU A 141 -9.95 12.98 -1.80
C LEU A 141 -9.65 14.48 -1.64
N PRO A 142 -8.71 15.03 -2.42
CA PRO A 142 -8.43 16.47 -2.25
C PRO A 142 -9.57 17.42 -2.62
N LEU A 144 -12.57 17.08 -1.42
CA LEU A 144 -13.47 17.12 -0.28
C LEU A 144 -12.99 18.18 0.70
N THR A 145 -13.92 18.85 1.37
CA THR A 145 -13.55 19.91 2.31
C THR A 145 -12.66 19.46 3.47
N TYR A 146 -12.70 18.16 3.78
CA TYR A 146 -11.88 17.60 4.85
C TYR A 146 -10.41 17.89 4.54
N ALA A 147 -10.03 17.65 3.29
CA ALA A 147 -8.66 17.88 2.84
C ALA A 147 -8.28 19.36 2.83
N ALA A 148 -9.21 20.22 2.39
CA ALA A 148 -8.96 21.65 2.34
C ALA A 148 -8.77 22.23 3.74
N ALA A 149 -9.60 21.76 4.67
CA ALA A 149 -9.54 22.22 6.05
C ALA A 149 -8.27 21.73 6.73
N GLY A 150 -7.54 20.82 6.08
CA GLY A 150 -6.32 20.32 6.66
C GLY A 150 -6.44 19.32 7.80
N VAL A 151 -7.52 18.54 7.80
CA VAL A 151 -7.72 17.48 8.83
C VAL A 151 -6.75 16.36 8.55
N PRO A 152 -5.94 15.96 9.54
CA PRO A 152 -4.99 14.87 9.25
C PRO A 152 -5.76 13.71 8.62
N PRO A 153 -5.29 13.23 7.46
CA PRO A 153 -5.95 12.12 6.76
C PRO A 153 -5.72 10.74 7.39
N THR A 154 -4.64 10.61 8.15
CA THR A 154 -4.32 9.34 8.79
C THR A 154 -4.19 9.57 10.29
N PRO A 155 -4.29 8.51 11.09
CA PRO A 155 -4.51 7.10 10.73
C PRO A 155 -5.74 6.85 9.86
N ALA A 156 -5.57 6.01 8.85
CA ALA A 156 -6.66 5.64 7.96
C ALA A 156 -6.88 4.14 8.20
N PHE A 157 -8.14 3.72 8.23
CA PHE A 157 -8.42 2.30 8.46
C PHE A 157 -9.19 1.67 7.31
N LEU A 158 -8.64 0.58 6.77
CA LEU A 158 -9.28 -0.17 5.69
C LEU A 158 -9.65 -1.53 6.30
N ALA A 159 -10.87 -1.98 6.06
CA ALA A 159 -11.30 -3.25 6.63
C ALA A 159 -12.01 -4.18 5.65
N GLY A 160 -11.83 -5.48 5.90
CA GLY A 160 -12.45 -6.52 5.08
C GLY A 160 -13.79 -6.92 5.68
N GLU A 161 -14.45 -7.90 5.06
CA GLU A 161 -15.76 -8.35 5.53
C GLU A 161 -15.69 -9.46 6.59
N SER A 162 -14.51 -10.08 6.72
CA SER A 162 -14.33 -11.16 7.68
C SER A 162 -13.78 -10.70 9.03
N GLY A 163 -12.73 -9.89 8.98
CA GLY A 163 -12.12 -9.41 10.21
C GLY A 163 -10.79 -8.77 9.92
N LEU A 164 -10.39 -8.79 8.66
CA LEU A 164 -9.13 -8.19 8.23
C LEU A 164 -9.21 -6.67 8.36
N CYS A 165 -8.23 -6.09 9.04
CA CYS A 165 -8.15 -4.64 9.25
C CYS A 165 -6.73 -4.16 8.98
N VAL A 166 -6.60 -3.10 8.19
CA VAL A 166 -5.31 -2.54 7.86
C VAL A 166 -5.29 -1.06 8.23
N GLU A 167 -4.21 -0.62 8.85
CA GLU A 167 -4.07 0.78 9.22
C GLU A 167 -2.96 1.42 8.39
N LEU A 168 -3.17 2.67 8.00
CA LEU A 168 -2.18 3.37 7.21
C LEU A 168 -1.92 4.76 7.77
N GLY A 169 -0.65 5.07 7.99
CA GLY A 169 -0.26 6.38 8.50
C GLY A 169 0.69 7.03 7.50
N VAL A 170 0.48 8.30 7.20
CA VAL A 170 1.34 9.00 6.25
C VAL A 170 1.83 10.35 6.76
N ARG A 171 3.15 10.54 6.72
CA ARG A 171 3.79 11.78 7.12
C ARG A 171 4.59 12.28 5.91
N PRO A 173 7.06 14.76 3.71
CA PRO A 173 8.31 15.42 4.09
C PRO A 173 8.07 16.93 3.93
N PRO A 174 8.91 17.78 4.55
CA PRO A 174 8.70 19.22 4.40
C PRO A 174 8.66 19.67 2.94
N PRO A 175 7.81 20.65 2.62
CA PRO A 175 7.70 21.15 1.24
C PRO A 175 9.06 21.64 0.68
N ASP A 176 9.35 21.26 -0.57
CA ASP A 176 10.60 21.65 -1.21
C ASP A 176 10.34 22.60 -2.37
N ARG A 180 5.91 18.65 -4.46
CA ARG A 180 5.18 17.96 -3.41
C ARG A 180 3.69 17.87 -3.73
N GLU A 181 3.17 16.64 -3.72
CA GLU A 181 1.77 16.38 -4.01
C GLU A 181 0.94 16.65 -2.75
N ASP A 182 -0.38 16.65 -2.87
CA ASP A 182 -1.26 16.88 -1.73
C ASP A 182 -1.25 15.60 -0.87
N ILE A 183 -1.20 15.76 0.46
CA ILE A 183 -1.17 14.58 1.32
C ILE A 183 -2.37 13.68 1.13
N SER A 184 -3.51 14.26 0.80
CA SER A 184 -4.73 13.51 0.57
C SER A 184 -4.55 12.61 -0.64
N THR A 185 -4.01 13.18 -1.72
CA THR A 185 -3.79 12.45 -2.96
C THR A 185 -2.86 11.26 -2.69
N VAL A 186 -1.77 11.51 -1.97
CA VAL A 186 -0.80 10.47 -1.64
C VAL A 186 -1.48 9.33 -0.89
N VAL A 187 -2.25 9.69 0.13
CA VAL A 187 -2.95 8.69 0.93
C VAL A 187 -3.86 7.85 0.04
N GLU A 188 -4.60 8.51 -0.84
CA GLU A 188 -5.51 7.81 -1.72
C GLU A 188 -4.73 6.89 -2.67
N GLN A 189 -3.57 7.36 -3.12
CA GLN A 189 -2.73 6.60 -4.03
C GLN A 189 -2.23 5.31 -3.37
N LEU A 191 -3.92 3.83 -0.56
CA LEU A 191 -5.05 3.06 -0.06
C LEU A 191 -5.65 2.14 -1.13
N ARG A 192 -5.90 2.69 -2.31
CA ARG A 192 -6.50 1.91 -3.37
C ARG A 192 -5.75 0.64 -3.77
N PRO A 193 -4.41 0.68 -3.88
CA PRO A 193 -3.70 -0.55 -4.26
C PRO A 193 -3.82 -1.64 -3.20
N ILE A 194 -3.85 -1.24 -1.94
CA ILE A 194 -3.96 -2.18 -0.82
C ILE A 194 -5.25 -2.98 -0.94
N LEU A 195 -6.29 -2.35 -1.48
CA LEU A 195 -7.58 -3.03 -1.64
C LEU A 195 -7.54 -4.07 -2.76
N THR A 196 -6.52 -4.02 -3.61
CA THR A 196 -6.42 -4.99 -4.70
C THR A 196 -5.79 -6.27 -4.17
N ASN A 197 -5.37 -6.24 -2.91
CA ASN A 197 -4.77 -7.41 -2.29
C ASN A 197 -5.85 -8.49 -2.16
N PRO A 198 -5.49 -9.76 -2.41
CA PRO A 198 -6.44 -10.87 -2.32
C PRO A 198 -7.29 -10.90 -1.05
N GLN A 199 -6.72 -10.48 0.07
CA GLN A 199 -7.43 -10.48 1.33
C GLN A 199 -8.64 -9.53 1.34
N PHE A 200 -8.58 -8.47 0.54
CA PHE A 200 -9.68 -7.52 0.47
C PHE A 200 -10.70 -7.90 -0.59
N GLY A 201 -10.24 -8.21 -1.79
CA GLY A 201 -11.16 -8.58 -2.86
C GLY A 201 -11.62 -7.39 -3.67
N GLN A 202 -10.69 -6.46 -3.91
CA GLN A 202 -10.95 -5.25 -4.69
C GLN A 202 -11.82 -4.17 -4.05
N PHE A 203 -12.17 -4.33 -2.77
CA PHE A 203 -12.98 -3.33 -2.07
C PHE A 203 -12.81 -3.45 -0.55
N GLY A 204 -13.32 -2.46 0.17
CA GLY A 204 -13.21 -2.50 1.61
C GLY A 204 -13.75 -1.27 2.31
N GLY A 205 -13.96 -1.39 3.62
CA GLY A 205 -14.45 -0.27 4.39
C GLY A 205 -13.32 0.70 4.68
N LEU A 206 -13.64 1.98 4.74
CA LEU A 206 -12.65 3.00 5.02
C LEU A 206 -13.11 3.91 6.16
N ALA A 207 -12.17 4.25 7.03
CA ALA A 207 -12.44 5.14 8.14
C ALA A 207 -11.21 6.03 8.29
N TRP A 209 -9.89 10.60 8.72
CA TRP A 209 -10.24 11.96 9.08
C TRP A 209 -10.98 12.09 10.42
N SER A 212 -12.25 16.18 16.19
CA SER A 212 -12.76 16.60 17.48
C SER A 212 -13.85 17.59 17.09
N PRO A 213 -14.77 17.91 18.00
CA PRO A 213 -15.84 18.86 17.65
C PRO A 213 -15.31 20.21 17.15
N ALA A 214 -14.10 20.58 17.57
CA ALA A 214 -13.51 21.84 17.17
C ALA A 214 -13.22 21.87 15.68
N GLN A 215 -12.70 20.77 15.17
CA GLN A 215 -12.38 20.64 13.75
C GLN A 215 -13.60 20.54 12.85
N LEU A 216 -14.66 19.89 13.34
CA LEU A 216 -15.87 19.71 12.52
C LEU A 216 -16.37 20.89 11.73
N GLY A 217 -16.60 22.01 12.41
CA GLY A 217 -17.09 23.21 11.75
C GLY A 217 -16.42 23.57 10.46
N GLY A 218 -15.16 23.99 10.54
CA GLY A 218 -14.43 24.37 9.35
C GLY A 218 -14.24 23.23 8.38
N ALA A 219 -14.27 22.00 8.90
CA ALA A 219 -14.07 20.83 8.06
C ALA A 219 -15.28 20.47 7.23
N LEU A 220 -16.48 20.82 7.72
CA LEU A 220 -17.71 20.53 7.03
C LEU A 220 -18.50 21.80 6.71
N PRO A 221 -18.00 22.64 5.79
CA PRO A 221 -18.75 23.86 5.47
C PRO A 221 -20.03 23.61 4.67
N VAL A 222 -20.12 22.47 4.00
CA VAL A 222 -21.31 22.15 3.20
C VAL A 222 -22.26 21.31 4.05
N ARG A 223 -23.35 21.93 4.48
CA ARG A 223 -24.29 21.28 5.38
C ARG A 223 -25.71 21.02 4.91
N GLY A 224 -26.40 20.15 5.65
CA GLY A 224 -27.78 19.81 5.34
C GLY A 224 -27.91 18.99 4.07
N THR A 225 -26.81 18.37 3.66
CA THR A 225 -26.78 17.57 2.44
C THR A 225 -27.55 16.27 2.54
N LEU A 226 -27.60 15.69 3.73
CA LEU A 226 -28.33 14.45 3.90
C LEU A 226 -29.84 14.74 3.84
N SER A 227 -30.29 15.74 4.61
CA SER A 227 -31.70 16.07 4.62
C SER A 227 -32.26 16.53 3.26
N ARG A 228 -31.49 17.33 2.52
CA ARG A 228 -31.98 17.76 1.22
C ARG A 228 -32.03 16.55 0.27
N ALA A 229 -31.13 15.60 0.45
CA ALA A 229 -31.14 14.41 -0.38
C ALA A 229 -32.43 13.64 -0.10
N LEU A 230 -32.82 13.59 1.17
CA LEU A 230 -34.03 12.89 1.59
C LEU A 230 -35.31 13.59 1.08
N LYS A 231 -35.33 14.92 1.13
CA LYS A 231 -36.50 15.65 0.69
C LYS A 231 -36.73 15.47 -0.81
N LEU A 232 -35.65 15.49 -1.59
CA LEU A 232 -35.78 15.32 -3.03
C LEU A 232 -36.21 13.89 -3.35
N GLY A 233 -35.59 12.94 -2.64
CA GLY A 233 -35.90 11.54 -2.84
C GLY A 233 -37.37 11.24 -2.59
N ARG A 234 -37.92 11.82 -1.54
CA ARG A 234 -39.32 11.62 -1.21
C ARG A 234 -40.20 12.11 -2.36
N ALA A 235 -39.86 13.27 -2.92
CA ALA A 235 -40.64 13.82 -4.02
C ALA A 235 -40.52 12.92 -5.26
N LEU A 236 -39.34 12.31 -5.45
CA LEU A 236 -39.11 11.43 -6.58
C LEU A 236 -39.92 10.16 -6.43
N GLN A 237 -39.81 9.55 -5.24
CA GLN A 237 -40.50 8.32 -4.94
C GLN A 237 -42.02 8.52 -5.04
N ASP A 238 -42.49 9.69 -4.62
CA ASP A 238 -43.92 10.00 -4.66
C ASP A 238 -44.44 10.41 -6.05
N GLY A 239 -43.57 10.41 -7.06
CA GLY A 239 -43.98 10.78 -8.40
C GLY A 239 -44.36 12.23 -8.62
N LYS A 240 -43.72 13.15 -7.88
CA LYS A 240 -44.03 14.57 -8.01
C LYS A 240 -43.16 15.30 -9.03
N VAL A 241 -42.14 14.61 -9.54
CA VAL A 241 -41.23 15.21 -10.52
C VAL A 241 -40.87 14.20 -11.60
N LYS A 242 -41.64 14.23 -12.69
CA LYS A 242 -41.46 13.31 -13.81
C LYS A 242 -40.89 13.95 -15.08
N THR A 243 -40.58 15.24 -15.01
CA THR A 243 -40.02 15.94 -16.15
C THR A 243 -38.84 16.80 -15.70
N ALA A 244 -37.92 17.05 -16.63
CA ALA A 244 -36.76 17.87 -16.34
C ALA A 244 -37.20 19.25 -15.83
N GLU A 245 -38.23 19.81 -16.46
CA GLU A 245 -38.75 21.11 -16.06
C GLU A 245 -39.25 21.06 -14.62
N ALA A 246 -39.96 19.99 -14.28
CA ALA A 246 -40.48 19.82 -12.93
C ALA A 246 -39.34 19.69 -11.94
N LEU A 248 -36.33 21.08 -12.16
CA LEU A 248 -35.79 22.42 -11.97
C LEU A 248 -36.73 23.25 -11.10
N ASP A 249 -38.04 23.10 -11.32
CA ASP A 249 -39.01 23.83 -10.51
C ASP A 249 -38.84 23.44 -9.05
N PHE A 250 -38.83 22.13 -8.78
CA PHE A 250 -38.70 21.61 -7.41
C PHE A 250 -37.43 22.11 -6.74
N LEU A 251 -36.31 21.99 -7.46
CA LEU A 251 -35.02 22.41 -6.95
C LEU A 251 -35.04 23.88 -6.53
N ARG A 252 -35.64 24.72 -7.36
CA ARG A 252 -35.70 26.14 -7.10
C ARG A 252 -36.64 26.50 -5.96
N ARG A 253 -37.88 26.02 -6.04
CA ARG A 253 -38.90 26.31 -5.05
C ARG A 253 -38.78 25.56 -3.71
N GLU A 254 -38.38 24.29 -3.75
CA GLU A 254 -38.27 23.50 -2.54
C GLU A 254 -36.89 23.41 -1.89
N LEU A 255 -35.82 23.51 -2.67
CA LEU A 255 -34.48 23.42 -2.11
C LEU A 255 -33.64 24.68 -2.38
N ASP A 256 -34.26 25.68 -3.00
CA ASP A 256 -33.57 26.92 -3.30
C ASP A 256 -32.28 26.68 -4.07
N ILE A 257 -32.37 25.86 -5.12
CA ILE A 257 -31.23 25.55 -5.97
C ILE A 257 -31.59 25.90 -7.40
N LYS A 258 -30.79 26.77 -8.01
CA LYS A 258 -31.04 27.18 -9.38
C LYS A 258 -30.22 26.36 -10.37
N GLY A 259 -30.77 25.21 -10.75
CA GLY A 259 -30.07 24.35 -11.69
C GLY A 259 -30.24 24.86 -13.11
N LYS A 260 -29.38 24.42 -14.01
CA LYS A 260 -29.47 24.84 -15.40
C LYS A 260 -29.65 23.65 -16.33
N LEU A 261 -30.58 23.78 -17.28
CA LEU A 261 -30.81 22.71 -18.25
C LEU A 261 -29.70 22.83 -19.30
N LEU A 262 -28.77 21.89 -19.29
CA LEU A 262 -27.66 21.92 -20.23
C LEU A 262 -28.02 21.33 -21.58
N PHE A 263 -28.84 20.28 -21.59
CA PHE A 263 -29.17 19.63 -22.85
C PHE A 263 -30.40 18.72 -22.76
N GLY A 264 -31.11 18.60 -23.87
CA GLY A 264 -32.29 17.75 -23.94
C GLY A 264 -33.59 18.33 -23.42
N PRO A 265 -34.55 17.48 -23.02
CA PRO A 265 -34.49 16.01 -23.04
C PRO A 265 -34.26 15.40 -24.42
N ALA A 266 -33.32 14.46 -24.48
CA ALA A 266 -32.97 13.79 -25.72
C ALA A 266 -32.89 12.29 -25.48
N THR A 267 -32.38 11.54 -26.46
CA THR A 267 -32.27 10.11 -26.31
C THR A 267 -30.84 9.66 -26.04
N LEU A 268 -30.66 8.85 -25.00
CA LEU A 268 -29.35 8.34 -24.63
C LEU A 268 -28.90 7.33 -25.67
N ALA A 269 -27.75 7.60 -26.29
CA ALA A 269 -27.22 6.68 -27.29
C ALA A 269 -26.53 5.54 -26.56
N SER A 270 -26.22 4.48 -27.29
CA SER A 270 -25.55 3.31 -26.71
C SER A 270 -24.05 3.61 -26.55
N PRO A 271 -23.47 3.23 -25.40
CA PRO A 271 -22.04 3.50 -25.17
C PRO A 271 -21.12 2.88 -26.22
N GLY A 282 -14.55 6.81 -20.87
CA GLY A 282 -15.72 6.90 -20.01
C GLY A 282 -16.64 8.04 -20.38
N LYS A 283 -17.65 7.77 -21.21
CA LYS A 283 -18.58 8.81 -21.63
C LYS A 283 -19.95 8.29 -22.02
N VAL A 284 -20.94 9.17 -21.92
CA VAL A 284 -22.31 8.85 -22.30
C VAL A 284 -22.69 9.92 -23.31
N VAL A 285 -23.36 9.51 -24.38
CA VAL A 285 -23.76 10.44 -25.42
C VAL A 285 -25.27 10.55 -25.54
N LEU A 286 -25.74 11.75 -25.83
CA LEU A 286 -27.15 12.02 -25.99
C LEU A 286 -27.32 12.79 -27.29
N GLU A 287 -28.30 12.40 -28.10
CA GLU A 287 -28.56 13.07 -29.36
C GLU A 287 -29.96 13.69 -29.40
N ASP A 288 -30.03 14.90 -29.94
CA ASP A 288 -31.29 15.64 -30.03
C ASP A 288 -31.48 16.09 -31.49
N GLY A 289 -31.43 15.14 -32.41
CA GLY A 289 -31.61 15.44 -33.82
C GLY A 289 -30.53 16.39 -34.31
N GLU A 290 -29.40 15.83 -34.74
CA GLU A 290 -28.28 16.62 -35.23
C GLU A 290 -27.85 17.62 -34.16
N ARG A 291 -27.58 17.08 -32.98
CA ARG A 291 -27.17 17.85 -31.81
C ARG A 291 -26.70 16.84 -30.79
N ARG A 292 -25.38 16.72 -30.63
CA ARG A 292 -24.83 15.75 -29.69
C ARG A 292 -24.23 16.36 -28.43
N CYS A 293 -24.46 15.68 -27.31
CA CYS A 293 -23.94 16.09 -26.02
C CYS A 293 -23.18 14.91 -25.44
N THR A 294 -21.96 15.17 -24.98
CA THR A 294 -21.15 14.13 -24.40
C THR A 294 -20.77 14.49 -22.97
N VAL A 295 -21.09 13.60 -22.04
CA VAL A 295 -20.76 13.83 -20.65
C VAL A 295 -19.58 12.92 -20.32
N LEU A 296 -18.45 13.51 -19.95
CA LEU A 296 -17.26 12.73 -19.63
C LEU A 296 -17.21 12.43 -18.14
N TYR A 297 -16.85 11.20 -17.80
CA TYR A 297 -16.79 10.81 -16.39
C TYR A 297 -15.70 9.82 -16.05
N GLN A 298 -15.21 9.88 -14.83
CA GLN A 298 -14.23 8.93 -14.33
C GLN A 298 -15.21 7.94 -13.71
N ASN A 299 -15.90 8.42 -12.69
CA ASN A 299 -16.98 7.70 -12.01
C ASN A 299 -18.02 8.79 -12.03
N GLU A 300 -17.62 9.93 -11.49
CA GLU A 300 -18.45 11.12 -11.43
C GLU A 300 -18.40 11.81 -12.79
N SER A 301 -19.47 12.50 -13.14
CA SER A 301 -19.49 13.23 -14.39
C SER A 301 -18.71 14.52 -14.10
N LEU A 302 -17.80 14.88 -14.99
CA LEU A 302 -16.97 16.06 -14.79
C LEU A 302 -17.11 17.14 -15.86
N LEU A 303 -17.47 16.74 -17.07
CA LEU A 303 -17.65 17.69 -18.16
C LEU A 303 -18.80 17.29 -19.07
N ALA A 304 -19.39 18.30 -19.72
CA ALA A 304 -20.48 18.11 -20.66
C ALA A 304 -20.11 18.92 -21.90
N TRP A 305 -20.02 18.22 -23.04
CA TRP A 305 -19.65 18.87 -24.29
C TRP A 305 -20.72 18.84 -25.36
N ASP A 306 -20.94 19.99 -25.99
CA ASP A 306 -21.88 20.10 -27.10
C ASP A 306 -20.98 20.15 -28.33
N SER A 307 -21.16 19.19 -29.23
CA SER A 307 -20.37 19.10 -30.45
C SER A 307 -20.17 20.42 -31.18
N ALA A 308 -21.19 21.26 -31.18
CA ALA A 308 -21.14 22.54 -31.89
C ALA A 308 -20.43 23.69 -31.16
N LEU A 309 -19.96 23.46 -29.95
CA LEU A 309 -19.31 24.53 -29.20
C LEU A 309 -17.86 24.26 -28.79
N SER A 310 -17.05 25.31 -28.83
CA SER A 310 -15.63 25.24 -28.49
C SER A 310 -15.36 25.14 -27.00
N HIS A 311 -16.32 25.61 -26.20
CA HIS A 311 -16.20 25.58 -24.75
C HIS A 311 -17.22 24.58 -24.21
N PRO A 312 -16.90 23.93 -23.07
CA PRO A 312 -17.84 22.96 -22.52
C PRO A 312 -19.12 23.60 -21.96
N LEU A 313 -20.20 22.83 -21.93
CA LEU A 313 -21.48 23.31 -21.43
C LEU A 313 -21.40 23.54 -19.92
N ALA A 314 -20.70 22.65 -19.23
CA ALA A 314 -20.52 22.73 -17.80
C ALA A 314 -19.27 21.99 -17.38
N THR A 315 -18.77 22.32 -16.19
CA THR A 315 -17.55 21.71 -15.69
C THR A 315 -17.62 21.66 -14.17
N ALA A 316 -16.98 20.66 -13.59
CA ALA A 316 -16.93 20.52 -12.14
C ALA A 316 -16.16 21.76 -11.69
N PRO A 317 -16.33 22.19 -10.44
CA PRO A 317 -17.16 21.66 -9.35
C PRO A 317 -18.66 21.57 -9.58
N ASP A 318 -19.18 22.26 -10.58
CA ASP A 318 -20.62 22.18 -10.84
C ASP A 318 -21.01 20.73 -11.08
N ALA A 319 -22.11 20.31 -10.48
CA ALA A 319 -22.59 18.94 -10.65
C ALA A 319 -23.28 18.81 -12.00
N ILE A 320 -23.21 17.61 -12.56
CA ILE A 320 -23.81 17.30 -13.85
C ILE A 320 -24.63 16.06 -13.56
N SER A 321 -25.94 16.15 -13.76
CA SER A 321 -26.81 15.02 -13.47
C SER A 321 -27.87 14.78 -14.53
N TYR A 322 -28.22 13.50 -14.70
CA TYR A 322 -29.21 13.11 -15.68
C TYR A 322 -30.60 13.12 -15.07
N PHE A 323 -31.59 13.26 -15.93
CA PHE A 323 -32.98 13.17 -15.52
C PHE A 323 -33.72 12.48 -16.65
N VAL A 324 -34.19 11.28 -16.37
CA VAL A 324 -34.92 10.51 -17.35
C VAL A 324 -36.42 10.73 -17.13
N GLU A 325 -37.04 11.44 -18.07
CA GLU A 325 -38.46 11.73 -17.98
C GLU A 325 -39.31 10.48 -18.20
N GLY A 326 -40.58 10.57 -17.83
CA GLY A 326 -41.49 9.45 -17.99
C GLY A 326 -41.95 8.89 -16.66
N GLU A 327 -42.19 7.59 -16.62
CA GLU A 327 -42.62 6.94 -15.39
C GLU A 327 -41.51 5.99 -14.95
N GLY A 328 -41.15 6.05 -13.68
CA GLY A 328 -40.10 5.16 -13.19
C GLY A 328 -38.86 5.90 -12.73
N GLN A 329 -37.77 5.17 -12.57
CA GLN A 329 -36.51 5.73 -12.12
C GLN A 329 -36.14 6.94 -12.97
N HIS A 330 -36.01 8.08 -12.30
CA HIS A 330 -35.67 9.34 -12.97
C HIS A 330 -34.20 9.70 -12.86
N VAL A 331 -33.56 9.28 -11.76
CA VAL A 331 -32.16 9.58 -11.52
C VAL A 331 -31.23 8.35 -11.57
N PHE A 332 -30.07 8.54 -12.19
CA PHE A 332 -29.10 7.47 -12.35
C PHE A 332 -27.67 7.96 -12.20
N SER A 333 -26.83 7.11 -11.64
CA SER A 333 -25.41 7.42 -11.55
C SER A 333 -24.89 6.77 -12.84
N ASN A 334 -23.70 7.14 -13.27
CA ASN A 334 -23.14 6.56 -14.49
C ASN A 334 -23.15 5.03 -14.39
N GLY A 335 -22.85 4.51 -13.21
CA GLY A 335 -22.86 3.06 -13.05
C GLY A 335 -24.28 2.52 -13.22
N ASP A 336 -25.27 3.24 -12.71
CA ASP A 336 -26.65 2.81 -12.81
C ASP A 336 -27.20 2.80 -14.25
N LEU A 337 -26.66 3.66 -15.10
CA LEU A 337 -27.12 3.72 -16.49
C LEU A 337 -26.74 2.48 -17.29
N SER A 338 -25.62 1.84 -16.96
CA SER A 338 -25.20 0.64 -17.67
C SER A 338 -26.25 -0.45 -17.49
N GLY A 339 -26.53 -1.21 -18.55
CA GLY A 339 -27.54 -2.25 -18.45
C GLY A 339 -27.41 -3.42 -19.42
N ASN A 340 -28.51 -4.18 -19.56
CA ASN A 340 -28.54 -5.35 -20.43
C ASN A 340 -29.07 -5.09 -21.85
N ASP A 341 -29.77 -3.96 -22.05
CA ASP A 341 -30.31 -3.63 -23.36
C ASP A 341 -29.18 -3.38 -24.37
N HIS A 342 -28.88 -2.11 -24.62
CA HIS A 342 -27.81 -1.76 -25.55
C HIS A 342 -26.60 -1.39 -24.72
N GLY A 343 -26.52 -1.98 -23.53
CA GLY A 343 -25.43 -1.68 -22.62
C GLY A 343 -25.97 -0.64 -21.67
N LEU A 344 -27.24 -0.29 -21.87
CA LEU A 344 -27.94 0.69 -21.05
C LEU A 344 -29.02 -0.04 -20.28
N ASP A 345 -29.41 0.50 -19.13
CA ASP A 345 -30.46 -0.10 -18.31
C ASP A 345 -31.72 -0.21 -19.18
N PRO A 346 -32.38 -1.37 -19.17
CA PRO A 346 -33.60 -1.57 -19.96
C PRO A 346 -34.68 -0.50 -19.77
N SER A 347 -34.67 0.14 -18.60
CA SER A 347 -35.66 1.18 -18.30
C SER A 347 -35.39 2.48 -19.04
N VAL A 348 -34.12 2.91 -19.05
CA VAL A 348 -33.74 4.14 -19.71
C VAL A 348 -33.92 4.06 -21.22
N ARG A 349 -33.76 2.85 -21.75
CA ARG A 349 -33.91 2.62 -23.19
C ARG A 349 -35.33 2.89 -23.67
N GLY A 350 -35.52 4.04 -24.30
CA GLY A 350 -36.85 4.40 -24.80
C GLY A 350 -37.40 5.69 -24.22
N ARG A 351 -36.79 6.19 -23.15
CA ARG A 351 -37.24 7.43 -22.51
C ARG A 351 -36.29 8.59 -22.77
N LYS A 352 -36.84 9.81 -22.80
CA LYS A 352 -36.05 10.99 -23.04
C LYS A 352 -35.30 11.43 -21.79
N ALA A 353 -33.98 11.57 -21.93
CA ALA A 353 -33.12 11.97 -20.83
C ALA A 353 -32.56 13.37 -21.00
N ALA A 354 -32.40 14.07 -19.88
CA ALA A 354 -31.86 15.43 -19.89
C ALA A 354 -30.60 15.48 -19.04
N VAL A 355 -29.82 16.54 -19.24
CA VAL A 355 -28.60 16.75 -18.48
C VAL A 355 -28.77 18.07 -17.74
N ILE A 356 -28.69 18.00 -16.42
CA ILE A 356 -28.84 19.18 -15.58
C ILE A 356 -27.56 19.51 -14.84
N ALA A 357 -27.23 20.79 -14.78
CA ALA A 357 -26.05 21.24 -14.07
C ALA A 357 -26.51 21.93 -12.79
N LEU A 358 -25.81 21.66 -11.70
CA LEU A 358 -26.14 22.27 -10.43
C LEU A 358 -24.94 23.12 -10.02
N PRO A 359 -25.18 24.38 -9.67
CA PRO A 359 -24.04 25.22 -9.27
C PRO A 359 -23.35 24.63 -8.03
N ALA A 360 -22.03 24.56 -8.09
CA ALA A 360 -21.27 24.02 -6.97
C ALA A 360 -21.53 24.84 -5.72
N ALA A 361 -21.46 24.19 -4.56
CA ALA A 361 -21.67 24.91 -3.30
C ALA A 361 -20.47 25.83 -3.16
N ALA A 362 -20.70 26.97 -2.54
CA ALA A 362 -19.68 27.99 -2.32
C ALA A 362 -18.28 27.51 -1.90
N PRO A 363 -18.20 26.64 -0.88
CA PRO A 363 -16.87 26.17 -0.45
C PRO A 363 -16.02 25.50 -1.54
N LEU A 364 -16.67 25.04 -2.61
CA LEU A 364 -15.99 24.37 -3.71
C LEU A 364 -15.55 25.31 -4.84
N SER A 365 -16.23 26.44 -4.93
CA SER A 365 -15.99 27.42 -5.99
C SER A 365 -14.74 28.28 -5.91
N GLU A 366 -13.87 28.03 -4.93
CA GLU A 366 -12.66 28.82 -4.80
C GLU A 366 -11.66 28.16 -3.85
N GLY A 367 -10.47 28.74 -3.80
CA GLY A 367 -9.43 28.22 -2.93
C GLY A 367 -8.78 26.95 -3.40
N LEU A 368 -8.30 26.18 -2.44
CA LEU A 368 -7.62 24.92 -2.70
C LEU A 368 -8.51 23.89 -3.39
N ILE A 369 -9.78 23.83 -2.99
CA ILE A 369 -10.70 22.86 -3.60
C ILE A 369 -10.83 23.10 -5.10
N LEU A 370 -10.96 24.36 -5.50
CA LEU A 370 -11.10 24.71 -6.90
C LEU A 370 -9.85 24.30 -7.69
N GLN A 371 -8.68 24.56 -7.13
CA GLN A 371 -7.43 24.21 -7.80
C GLN A 371 -7.39 22.70 -7.97
N SER A 372 -7.78 21.99 -6.92
CA SER A 372 -7.81 20.54 -6.94
C SER A 372 -8.69 20.07 -8.11
N PHE A 373 -9.83 20.73 -8.31
CA PHE A 373 -10.74 20.38 -9.41
C PHE A 373 -10.10 20.70 -10.77
N ALA A 374 -9.42 21.84 -10.86
CA ALA A 374 -8.77 22.24 -12.10
C ALA A 374 -7.74 21.18 -12.51
N ASP A 375 -7.00 20.67 -11.53
CA ASP A 375 -6.00 19.66 -11.79
C ASP A 375 -6.65 18.40 -12.36
N GLU A 376 -7.72 17.93 -11.72
CA GLU A 376 -8.40 16.73 -12.17
C GLU A 376 -8.91 16.91 -13.59
N LEU A 377 -9.54 18.04 -13.85
CA LEU A 377 -10.07 18.34 -15.17
C LEU A 377 -8.94 18.45 -16.19
N ALA A 378 -7.79 18.96 -15.75
CA ALA A 378 -6.63 19.12 -16.63
C ALA A 378 -6.23 17.74 -17.18
N GLN A 379 -6.28 16.73 -16.32
CA GLN A 379 -5.92 15.38 -16.72
C GLN A 379 -6.90 14.89 -17.78
N LEU A 380 -8.12 15.43 -17.76
CA LEU A 380 -9.14 15.06 -18.73
C LEU A 380 -9.14 16.00 -19.94
N GLY A 381 -8.05 16.75 -20.12
CA GLY A 381 -7.94 17.64 -21.26
C GLY A 381 -8.50 19.05 -21.19
N TYR A 382 -9.26 19.39 -20.15
CA TYR A 382 -9.79 20.75 -20.06
C TYR A 382 -8.87 21.59 -19.20
N LEU A 383 -8.27 22.61 -19.81
CA LEU A 383 -7.36 23.48 -19.10
C LEU A 383 -7.84 24.92 -19.06
N GLY A 384 -9.13 25.13 -19.27
CA GLY A 384 -9.70 26.46 -19.24
C GLY A 384 -10.04 26.88 -17.82
N PRO A 385 -10.75 28.00 -17.63
CA PRO A 385 -11.09 28.39 -16.25
C PRO A 385 -12.41 27.79 -15.82
N TYR A 386 -12.72 27.92 -14.53
CA TYR A 386 -13.99 27.41 -14.02
C TYR A 386 -15.03 28.45 -14.44
N ALA A 387 -16.11 28.00 -15.07
CA ALA A 387 -17.17 28.89 -15.51
C ALA A 387 -18.50 28.52 -14.86
N PRO A 388 -18.79 29.10 -13.68
CA PRO A 388 -20.03 28.81 -12.95
C PRO A 388 -21.29 28.92 -13.82
N VAL A 389 -22.09 27.86 -13.82
CA VAL A 389 -23.32 27.87 -14.59
C VAL A 389 -24.24 28.93 -13.99
N ASP A 390 -24.03 29.25 -12.71
CA ASP A 390 -24.83 30.27 -12.05
C ASP A 390 -24.25 31.65 -12.39
N ALA B 2 29.39 -6.57 23.03
CA ALA B 2 30.44 -7.62 22.95
C ALA B 2 31.68 -7.11 22.20
N PHE B 3 31.48 -6.42 21.08
CA PHE B 3 32.61 -5.86 20.33
C PHE B 3 32.19 -4.73 19.39
N GLU B 4 33.14 -3.89 19.00
CA GLU B 4 32.85 -2.75 18.12
C GLU B 4 33.51 -2.82 16.74
N LEU B 5 32.77 -2.32 15.75
CA LEU B 5 33.24 -2.26 14.37
C LEU B 5 33.75 -0.86 14.13
N SER B 6 34.70 -0.73 13.21
CA SER B 6 35.26 0.57 12.86
C SER B 6 35.04 0.75 11.36
N PRO B 7 35.15 1.99 10.85
CA PRO B 7 34.95 2.16 9.41
C PRO B 7 35.69 1.13 8.56
N SER B 8 36.96 0.89 8.87
CA SER B 8 37.75 -0.06 8.10
C SER B 8 37.27 -1.51 8.18
N ASP B 9 36.29 -1.79 9.04
CA ASP B 9 35.76 -3.15 9.16
C ASP B 9 34.59 -3.44 8.24
N LEU B 10 34.03 -2.41 7.61
CA LEU B 10 32.88 -2.59 6.73
C LEU B 10 33.18 -3.30 5.40
N GLU B 11 34.33 -3.03 4.81
CA GLU B 11 34.71 -3.68 3.55
C GLU B 11 34.78 -5.19 3.76
N PRO B 12 35.55 -5.65 4.77
CA PRO B 12 35.62 -7.10 4.97
C PRO B 12 34.23 -7.66 5.22
N LEU B 13 33.48 -6.96 6.07
CA LEU B 13 32.12 -7.37 6.42
C LEU B 13 31.20 -7.62 5.24
N LEU B 14 31.07 -6.65 4.35
CA LEU B 14 30.17 -6.83 3.21
C LEU B 14 30.63 -7.91 2.24
N GLN B 15 31.94 -8.09 2.14
CA GLN B 15 32.48 -9.12 1.25
C GLN B 15 32.13 -10.50 1.78
N GLY B 16 32.41 -10.73 3.07
CA GLY B 16 32.10 -12.02 3.65
C GLY B 16 30.61 -12.26 3.68
N ALA B 17 29.84 -11.19 3.88
CA ALA B 17 28.39 -11.26 3.94
C ALA B 17 27.85 -11.58 2.55
N CYS B 18 28.47 -11.00 1.53
CA CYS B 18 28.06 -11.25 0.16
C CYS B 18 28.14 -12.74 -0.12
N PHE B 19 29.21 -13.37 0.34
CA PHE B 19 29.38 -14.81 0.13
C PHE B 19 28.31 -15.62 0.85
N PHE B 20 27.90 -15.16 2.02
CA PHE B 20 26.85 -15.86 2.76
C PHE B 20 25.47 -15.40 2.30
N GLY B 21 25.43 -14.61 1.23
CA GLY B 21 24.16 -14.12 0.71
C GLY B 21 23.48 -15.01 -0.31
N SER B 22 24.11 -16.13 -0.64
CA SER B 22 23.56 -17.09 -1.60
C SER B 22 23.16 -16.41 -2.92
N GLY B 23 23.99 -15.46 -3.36
CA GLY B 23 23.71 -14.77 -4.60
C GLY B 23 22.93 -13.47 -4.46
N GLY B 24 22.25 -13.31 -3.32
CA GLY B 24 21.48 -12.09 -3.12
C GLY B 24 21.90 -11.32 -1.89
N GLY B 25 20.96 -10.59 -1.30
CA GLY B 25 21.25 -9.82 -0.10
C GLY B 25 21.82 -8.43 -0.36
N GLY B 26 21.60 -7.92 -1.57
CA GLY B 26 22.11 -6.60 -1.89
C GLY B 26 23.48 -6.63 -2.53
N THR B 27 23.73 -5.71 -3.46
CA THR B 27 25.02 -5.64 -4.15
C THR B 27 26.14 -5.07 -3.29
N ILE B 29 28.39 -3.17 -4.48
CA ILE B 29 28.62 -1.79 -4.89
C ILE B 29 27.74 -0.82 -4.09
N SER B 30 26.46 -1.15 -3.92
CA SER B 30 25.59 -0.28 -3.15
C SER B 30 26.05 -0.27 -1.68
N ALA B 31 26.51 -1.41 -1.19
CA ALA B 31 26.99 -1.52 0.18
C ALA B 31 28.23 -0.66 0.32
N ARG B 32 29.08 -0.67 -0.69
CA ARG B 32 30.30 0.12 -0.67
C ARG B 32 30.00 1.60 -0.72
N HIS B 33 28.93 1.98 -1.42
CA HIS B 33 28.56 3.38 -1.52
C HIS B 33 28.26 3.94 -0.14
N LEU B 34 27.50 3.17 0.65
CA LEU B 34 27.14 3.59 2.00
C LEU B 34 28.34 3.59 2.97
N ALA B 35 29.13 2.52 2.95
CA ALA B 35 30.29 2.40 3.84
C ALA B 35 31.35 3.45 3.56
N ALA B 36 31.47 3.83 2.30
CA ALA B 36 32.46 4.82 1.91
C ALA B 36 32.26 6.15 2.62
N ASN B 37 31.04 6.41 3.08
CA ASN B 37 30.77 7.67 3.77
C ASN B 37 30.69 7.54 5.27
N PHE B 38 31.00 6.36 5.81
CA PHE B 38 30.94 6.14 7.25
C PHE B 38 32.16 6.67 7.98
N ARG B 39 31.97 7.79 8.68
CA ARG B 39 33.01 8.43 9.46
C ARG B 39 32.36 9.48 10.35
N LYS B 40 32.98 9.78 11.49
CA LYS B 40 32.41 10.79 12.38
C LYS B 40 32.39 12.12 11.62
N GLY B 41 31.26 12.81 11.68
CA GLY B 41 31.13 14.08 10.98
C GLY B 41 29.74 14.66 11.14
N ASP B 42 29.22 15.27 10.09
CA ASP B 42 27.90 15.89 10.17
C ASP B 42 26.75 14.87 10.23
N TYR B 43 26.94 13.70 9.65
CA TYR B 43 25.88 12.70 9.67
C TYR B 43 26.01 11.69 10.81
N TYR B 44 27.16 11.03 10.91
CA TYR B 44 27.41 10.06 11.96
C TYR B 44 28.08 10.69 13.17
N PRO B 45 27.51 10.50 14.37
CA PRO B 45 28.13 11.09 15.57
C PRO B 45 29.32 10.31 16.12
N THR B 46 29.62 9.15 15.52
CA THR B 46 30.73 8.31 15.96
C THR B 46 31.24 7.37 14.86
N ASP B 47 32.46 6.83 15.04
CA ASP B 47 33.07 5.89 14.08
C ASP B 47 32.92 4.45 14.56
N LYS B 48 32.33 4.27 15.75
CA LYS B 48 32.16 2.95 16.32
C LYS B 48 30.77 2.38 16.10
N VAL B 49 30.71 1.05 16.06
CA VAL B 49 29.46 0.33 15.89
C VAL B 49 29.46 -0.81 16.91
N ARG B 50 28.63 -0.68 17.92
CA ARG B 50 28.50 -1.69 18.96
C ARG B 50 27.74 -2.90 18.41
N VAL B 51 28.32 -4.09 18.57
CA VAL B 51 27.70 -5.33 18.09
C VAL B 51 27.53 -6.20 19.32
N VAL B 52 26.34 -6.78 19.50
CA VAL B 52 26.08 -7.63 20.66
C VAL B 52 25.49 -8.98 20.29
N ASP B 53 25.71 -9.95 21.17
CA ASP B 53 25.17 -11.30 20.98
C ASP B 53 23.69 -11.21 21.30
N VAL B 54 22.91 -12.14 20.77
CA VAL B 54 21.47 -12.16 21.02
C VAL B 54 21.12 -12.21 22.51
N ASP B 55 21.74 -13.12 23.26
CA ASP B 55 21.42 -13.24 24.69
C ASP B 55 22.02 -12.11 25.49
N GLU B 56 22.66 -11.19 24.79
CA GLU B 56 23.31 -10.05 25.39
C GLU B 56 22.50 -8.77 25.14
N ALA B 57 21.54 -8.87 24.21
CA ALA B 57 20.68 -7.74 23.85
C ALA B 57 19.47 -7.66 24.78
N THR B 58 19.68 -7.17 26.00
CA THR B 58 18.62 -7.12 27.00
C THR B 58 18.33 -5.76 27.62
N ASP B 59 18.99 -4.71 27.17
CA ASP B 59 18.77 -3.40 27.77
C ASP B 59 17.69 -2.59 27.06
N GLY B 60 16.97 -3.23 26.14
CA GLY B 60 15.92 -2.57 25.41
C GLY B 60 15.40 -3.45 24.28
N ASP B 61 14.42 -2.95 23.53
CA ASP B 61 13.84 -3.72 22.42
C ASP B 61 14.69 -3.62 21.15
N CYS B 62 14.37 -4.49 20.20
CA CYS B 62 15.08 -4.54 18.94
C CYS B 62 14.06 -4.46 17.79
N VAL B 63 14.54 -4.05 16.62
CA VAL B 63 13.69 -3.96 15.46
C VAL B 63 14.51 -4.26 14.21
N VAL B 65 15.69 -3.83 10.52
CA VAL B 65 15.81 -2.62 9.70
C VAL B 65 16.59 -2.89 8.41
N ALA B 66 16.13 -2.32 7.29
CA ALA B 66 16.80 -2.54 6.02
C ALA B 66 16.28 -1.66 4.87
N TYR B 67 16.90 -1.85 3.70
CA TYR B 67 16.51 -1.16 2.48
C TYR B 67 15.65 -2.16 1.71
N GLY B 69 13.26 -2.59 -2.06
CA GLY B 69 12.94 -1.96 -3.33
C GLY B 69 13.82 -2.29 -4.51
N ALA B 70 13.85 -1.37 -5.48
CA ALA B 70 14.63 -1.54 -6.70
C ALA B 70 16.13 -1.34 -6.51
N PRO B 71 16.94 -2.35 -6.91
CA PRO B 71 18.40 -2.26 -6.78
C PRO B 71 18.94 -1.05 -7.52
N ASP B 72 18.37 -0.78 -8.69
CA ASP B 72 18.79 0.36 -9.50
C ASP B 72 18.71 1.67 -8.74
N ALA B 73 17.61 1.85 -8.00
CA ALA B 73 17.40 3.06 -7.23
C ALA B 73 18.22 3.03 -5.94
N ILE B 74 18.25 1.87 -5.31
CA ILE B 74 18.99 1.71 -4.07
C ILE B 74 20.49 1.97 -4.22
N ASN B 75 21.11 1.40 -5.25
CA ASN B 75 22.55 1.59 -5.43
C ASN B 75 22.96 3.00 -5.85
N GLN B 76 22.04 3.96 -5.74
CA GLN B 76 22.32 5.35 -6.06
C GLN B 76 22.49 6.13 -4.75
N VAL B 77 22.04 5.53 -3.65
CA VAL B 77 22.10 6.18 -2.35
C VAL B 77 23.48 6.20 -1.70
N GLN B 78 23.76 7.26 -0.94
CA GLN B 78 25.04 7.43 -0.27
C GLN B 78 24.91 7.47 1.26
N TRP B 79 23.71 7.75 1.75
CA TRP B 79 23.46 7.77 3.19
C TRP B 79 22.18 6.96 3.44
N PRO B 80 22.16 6.19 4.54
CA PRO B 80 20.97 5.37 4.83
C PRO B 80 19.83 6.14 5.47
N ASN B 81 19.46 7.27 4.87
CA ASN B 81 18.37 8.09 5.38
C ASN B 81 17.08 7.32 5.62
N GLY B 82 16.65 6.58 4.60
CA GLY B 82 15.43 5.81 4.71
C GLY B 82 15.41 4.88 5.91
N PRO B 83 16.33 3.91 5.98
CA PRO B 83 16.31 3.00 7.13
C PRO B 83 16.48 3.73 8.47
N VAL B 84 17.31 4.77 8.50
CA VAL B 84 17.51 5.54 9.71
C VAL B 84 16.17 6.14 10.17
N GLU B 85 15.43 6.75 9.25
CA GLU B 85 14.15 7.36 9.59
C GLU B 85 13.13 6.31 10.05
N ALA B 86 13.11 5.16 9.39
CA ALA B 86 12.19 4.09 9.74
C ALA B 86 12.49 3.58 11.16
N ALA B 87 13.78 3.43 11.46
CA ALA B 87 14.19 2.97 12.77
C ALA B 87 13.76 4.04 13.80
N LEU B 88 13.91 5.30 13.42
CA LEU B 88 13.54 6.41 14.30
C LEU B 88 12.05 6.34 14.66
N ALA B 89 11.22 6.15 13.64
CA ALA B 89 9.78 6.04 13.86
C ALA B 89 9.46 4.92 14.86
N ALA B 90 10.23 3.84 14.80
CA ALA B 90 10.00 2.72 15.70
C ALA B 90 10.40 3.08 17.12
N ARG B 91 11.49 3.83 17.26
CA ARG B 91 11.93 4.22 18.59
C ARG B 91 10.91 5.10 19.29
N GLN B 92 10.34 6.07 18.56
CA GLN B 92 9.37 6.94 19.18
C GLN B 92 8.05 6.23 19.48
N ARG B 93 7.68 5.25 18.66
CA ARG B 93 6.45 4.53 18.94
C ARG B 93 6.66 3.77 20.23
N LEU B 94 7.77 3.04 20.32
CA LEU B 94 8.08 2.28 21.51
C LEU B 94 8.18 3.20 22.71
N GLU B 95 8.84 4.34 22.51
CA GLU B 95 9.01 5.32 23.57
C GLU B 95 7.64 5.84 24.03
N SER B 96 6.76 6.13 23.08
CA SER B 96 5.42 6.61 23.43
C SER B 96 4.68 5.56 24.26
N GLN B 97 5.15 4.32 24.18
CA GLN B 97 4.54 3.22 24.91
C GLN B 97 5.33 2.89 26.18
N GLY B 98 6.24 3.76 26.55
CA GLY B 98 7.04 3.53 27.74
C GLY B 98 8.05 2.40 27.61
N ARG B 99 8.63 2.24 26.44
CA ARG B 99 9.63 1.20 26.22
C ARG B 99 10.79 1.87 25.49
N LYS B 100 11.95 1.24 25.53
CA LYS B 100 13.14 1.79 24.88
C LYS B 100 13.61 0.89 23.74
N LEU B 101 13.92 1.50 22.60
CA LEU B 101 14.42 0.76 21.45
C LEU B 101 15.94 0.85 21.60
N ALA B 102 16.59 -0.28 21.86
CA ALA B 102 18.04 -0.29 22.04
C ALA B 102 18.82 -1.00 20.95
N TYR B 103 18.14 -1.81 20.15
CA TYR B 103 18.83 -2.56 19.11
C TYR B 103 18.15 -2.65 17.75
N VAL B 104 18.97 -2.95 16.74
CA VAL B 104 18.50 -3.17 15.38
C VAL B 104 19.15 -4.49 14.92
N VAL B 105 18.57 -5.11 13.90
CA VAL B 105 19.10 -6.36 13.37
C VAL B 105 18.82 -6.44 11.88
N ALA B 106 19.74 -7.01 11.11
CA ALA B 106 19.55 -7.14 9.67
C ALA B 106 18.51 -8.24 9.46
N PRO B 107 17.84 -8.26 8.30
CA PRO B 107 16.86 -9.33 8.13
C PRO B 107 17.53 -10.64 7.70
N GLU B 108 18.62 -10.51 6.94
CA GLU B 108 19.31 -11.67 6.38
C GLU B 108 20.80 -11.39 6.21
N SER B 109 21.57 -12.43 5.84
CA SER B 109 22.99 -12.22 5.58
C SER B 109 23.06 -11.61 4.18
N GLY B 110 23.96 -10.66 3.99
CA GLY B 110 24.09 -10.04 2.70
C GLY B 110 24.98 -8.82 2.79
N ALA B 111 25.45 -8.36 1.63
CA ALA B 111 26.32 -7.21 1.56
C ALA B 111 25.67 -5.96 2.15
N LEU B 112 24.37 -5.80 1.90
CA LEU B 112 23.66 -4.63 2.40
C LEU B 112 23.11 -4.76 3.81
N GLY B 113 22.57 -5.93 4.11
CA GLY B 113 21.99 -6.17 5.41
C GLY B 113 22.73 -5.66 6.62
N PHE B 114 23.85 -6.30 6.93
CA PHE B 114 24.64 -5.92 8.09
C PHE B 114 25.15 -4.47 8.02
N VAL B 115 25.49 -4.01 6.83
CA VAL B 115 26.00 -2.65 6.68
C VAL B 115 24.92 -1.60 6.97
N VAL B 116 23.71 -1.85 6.49
CA VAL B 116 22.63 -0.90 6.74
C VAL B 116 22.32 -0.85 8.25
N ALA B 117 22.18 -2.02 8.86
CA ALA B 117 21.89 -2.12 10.29
C ALA B 117 22.96 -1.43 11.12
N SER B 118 24.22 -1.64 10.76
CA SER B 118 25.33 -1.02 11.49
C SER B 118 25.32 0.50 11.37
N LEU B 119 25.05 1.02 10.18
CA LEU B 119 25.03 2.48 10.00
C LEU B 119 23.84 3.09 10.71
N VAL B 120 22.72 2.37 10.75
CA VAL B 120 21.54 2.85 11.43
C VAL B 120 21.85 2.93 12.92
N ALA B 121 22.48 1.88 13.43
CA ALA B 121 22.84 1.82 14.84
C ALA B 121 23.75 2.99 15.26
N ALA B 122 24.82 3.21 14.51
CA ALA B 122 25.77 4.28 14.83
C ALA B 122 25.10 5.65 14.76
N LYS B 123 24.18 5.79 13.81
CA LYS B 123 23.47 7.03 13.63
C LYS B 123 22.53 7.31 14.82
N LEU B 124 21.84 6.29 15.30
CA LEU B 124 20.89 6.46 16.40
C LEU B 124 21.36 6.08 17.79
N GLY B 125 22.61 5.66 17.92
CA GLY B 125 23.13 5.27 19.22
C GLY B 125 22.61 3.92 19.68
N LEU B 126 22.37 3.02 18.73
CA LEU B 126 21.85 1.70 19.06
C LEU B 126 22.97 0.68 18.89
N ALA B 127 22.67 -0.58 19.16
CA ALA B 127 23.64 -1.66 18.97
C ALA B 127 23.06 -2.61 17.93
N VAL B 128 23.92 -3.29 17.17
CA VAL B 128 23.45 -4.22 16.15
C VAL B 128 23.58 -5.66 16.66
N VAL B 129 22.52 -6.44 16.50
CA VAL B 129 22.52 -7.81 16.98
C VAL B 129 23.26 -8.73 16.01
N ASP B 130 24.18 -9.52 16.54
CA ASP B 130 25.00 -10.44 15.77
C ASP B 130 24.19 -11.67 15.37
N ALA B 131 23.33 -11.48 14.36
CA ALA B 131 22.47 -12.52 13.83
C ALA B 131 21.60 -11.93 12.73
N ASP B 132 20.85 -12.80 12.07
CA ASP B 132 19.89 -12.38 11.05
C ASP B 132 18.84 -13.48 10.97
N GLY B 133 17.79 -13.29 10.20
CA GLY B 133 16.74 -14.29 10.13
C GLY B 133 16.93 -15.55 9.30
N ALA B 134 18.10 -15.76 8.70
CA ALA B 134 18.26 -16.97 7.88
C ALA B 134 19.66 -17.53 7.75
N GLY B 135 20.67 -16.69 7.86
CA GLY B 135 22.03 -17.16 7.70
C GLY B 135 22.40 -17.05 6.22
N ARG B 136 21.44 -16.57 5.44
CA ARG B 136 21.59 -16.39 3.99
C ARG B 136 20.61 -15.31 3.55
N ALA B 137 20.60 -14.98 2.26
CA ALA B 137 19.68 -13.97 1.74
C ALA B 137 18.47 -14.75 1.23
N VAL B 138 17.29 -14.16 1.42
CA VAL B 138 16.05 -14.82 1.05
C VAL B 138 15.18 -13.98 0.10
N PRO B 139 14.36 -14.63 -0.75
CA PRO B 139 13.49 -13.93 -1.69
C PRO B 139 12.28 -13.24 -1.10
N SER B 140 11.73 -13.80 -0.03
CA SER B 140 10.54 -13.22 0.58
C SER B 140 10.55 -13.36 2.11
N LEU B 141 9.77 -12.51 2.78
CA LEU B 141 9.67 -12.49 4.26
C LEU B 141 9.35 -13.76 5.03
N PRO B 142 8.46 -14.62 4.50
CA PRO B 142 8.15 -15.85 5.25
C PRO B 142 9.28 -16.86 5.38
N LEU B 144 12.09 -16.18 6.63
CA LEU B 144 12.93 -15.64 7.69
C LEU B 144 12.42 -16.17 9.01
N THR B 145 13.31 -16.37 9.98
CA THR B 145 12.91 -16.90 11.27
C THR B 145 11.98 -15.98 12.05
N TYR B 146 11.99 -14.69 11.73
CA TYR B 146 11.11 -13.75 12.41
C TYR B 146 9.67 -14.18 12.10
N ALA B 147 9.43 -14.56 10.85
CA ALA B 147 8.09 -14.98 10.42
C ALA B 147 7.67 -16.30 11.06
N ALA B 148 8.57 -17.27 11.04
CA ALA B 148 8.29 -18.57 11.62
C ALA B 148 8.01 -18.46 13.12
N ALA B 149 8.72 -17.55 13.78
CA ALA B 149 8.57 -17.33 15.22
C ALA B 149 7.25 -16.66 15.59
N GLY B 150 6.53 -16.16 14.58
CA GLY B 150 5.28 -15.51 14.88
C GLY B 150 5.42 -14.13 15.50
N VAL B 151 6.53 -13.45 15.21
CA VAL B 151 6.72 -12.09 15.72
C VAL B 151 5.74 -11.21 14.95
N PRO B 152 4.90 -10.44 15.65
CA PRO B 152 3.99 -9.61 14.84
C PRO B 152 4.80 -8.71 13.91
N PRO B 153 4.48 -8.71 12.60
CA PRO B 153 5.19 -7.89 11.61
C PRO B 153 4.96 -6.38 11.70
N THR B 154 3.74 -5.97 12.02
CA THR B 154 3.44 -4.56 12.10
C THR B 154 3.20 -4.15 13.54
N PRO B 155 3.29 -2.84 13.84
CA PRO B 155 3.58 -1.72 12.94
C PRO B 155 4.88 -1.85 12.14
N ALA B 156 4.78 -1.60 10.84
CA ALA B 156 5.92 -1.62 9.96
C ALA B 156 6.07 -0.18 9.47
N PHE B 157 7.31 0.29 9.34
CA PHE B 157 7.56 1.66 8.90
C PHE B 157 8.42 1.74 7.64
N LEU B 158 7.91 2.42 6.62
CA LEU B 158 8.63 2.62 5.38
C LEU B 158 8.96 4.11 5.30
N ALA B 159 10.23 4.43 5.06
CA ALA B 159 10.63 5.82 5.00
C ALA B 159 11.44 6.17 3.76
N GLY B 160 11.19 7.36 3.22
CA GLY B 160 11.90 7.85 2.05
C GLY B 160 13.17 8.53 2.49
N GLU B 161 14.00 8.92 1.53
CA GLU B 161 15.27 9.56 1.85
C GLU B 161 15.17 11.04 2.26
N SER B 162 14.01 11.65 2.07
CA SER B 162 13.84 13.06 2.38
C SER B 162 12.90 13.47 3.52
N GLY B 163 12.24 12.51 4.15
CA GLY B 163 11.33 12.85 5.24
C GLY B 163 10.00 12.11 5.18
N LEU B 164 9.77 11.42 4.08
CA LEU B 164 8.53 10.66 3.88
C LEU B 164 8.51 9.44 4.82
N CYS B 165 7.44 9.27 5.58
CA CYS B 165 7.32 8.13 6.48
C CYS B 165 5.91 7.56 6.49
N VAL B 166 5.80 6.31 6.09
CA VAL B 166 4.52 5.62 6.04
C VAL B 166 4.47 4.49 7.07
N GLU B 167 3.30 4.29 7.67
CA GLU B 167 3.14 3.22 8.64
C GLU B 167 2.08 2.26 8.16
N LEU B 168 2.34 0.97 8.35
CA LEU B 168 1.40 -0.06 7.96
C LEU B 168 1.12 -0.97 9.13
N GLY B 169 -0.16 -1.24 9.36
CA GLY B 169 -0.58 -2.12 10.44
C GLY B 169 -1.47 -3.16 9.78
N VAL B 170 -1.35 -4.41 10.21
CA VAL B 170 -2.17 -5.47 9.66
C VAL B 170 -2.66 -6.41 10.73
N ARG B 171 -3.98 -6.58 10.79
CA ARG B 171 -4.61 -7.48 11.74
C ARG B 171 -5.54 -8.35 10.89
N PRO B 173 -7.90 -12.20 10.07
CA PRO B 173 -8.85 -13.09 10.73
C PRO B 173 -8.59 -14.57 10.37
N PRO B 174 -9.20 -15.51 11.12
CA PRO B 174 -9.01 -16.94 10.82
C PRO B 174 -10.26 -17.45 10.08
N PRO B 175 -10.20 -18.65 9.47
CA PRO B 175 -9.08 -19.61 9.36
C PRO B 175 -8.07 -19.23 8.29
N ARG B 180 -6.46 -18.16 2.65
CA ARG B 180 -5.64 -17.23 3.42
C ARG B 180 -4.17 -17.65 3.42
N GLU B 181 -3.27 -16.66 3.48
CA GLU B 181 -1.84 -16.92 3.48
C GLU B 181 -1.23 -16.48 4.82
N ASP B 182 0.11 -16.41 4.87
CA ASP B 182 0.80 -16.00 6.08
C ASP B 182 0.77 -14.49 6.19
N ILE B 183 0.67 -13.98 7.41
CA ILE B 183 0.62 -12.52 7.62
C ILE B 183 1.86 -11.86 7.06
N SER B 184 2.99 -12.57 7.10
CA SER B 184 4.25 -12.06 6.58
C SER B 184 4.11 -11.82 5.08
N THR B 185 3.51 -12.78 4.40
CA THR B 185 3.29 -12.71 2.97
C THR B 185 2.33 -11.57 2.63
N VAL B 186 1.24 -11.46 3.39
CA VAL B 186 0.26 -10.41 3.16
C VAL B 186 0.92 -9.05 3.35
N VAL B 187 1.72 -8.92 4.41
CA VAL B 187 2.40 -7.67 4.72
C VAL B 187 3.36 -7.28 3.61
N GLU B 188 4.10 -8.25 3.11
CA GLU B 188 5.08 -7.99 2.05
C GLU B 188 4.38 -7.56 0.76
N GLN B 189 3.22 -8.18 0.49
CA GLN B 189 2.46 -7.86 -0.72
C GLN B 189 1.88 -6.46 -0.67
N LEU B 191 3.52 -3.91 1.43
CA LEU B 191 4.69 -3.05 1.60
C LEU B 191 5.33 -2.68 0.28
N ARG B 192 5.52 -3.66 -0.60
CA ARG B 192 6.15 -3.42 -1.88
C ARG B 192 5.43 -2.46 -2.82
N PRO B 193 4.11 -2.62 -3.01
CA PRO B 193 3.43 -1.69 -3.90
C PRO B 193 3.53 -0.25 -3.42
N ILE B 194 3.57 -0.07 -2.11
CA ILE B 194 3.67 1.27 -1.53
C ILE B 194 4.95 1.96 -1.97
N LEU B 195 6.03 1.18 -2.08
CA LEU B 195 7.30 1.74 -2.49
C LEU B 195 7.32 2.18 -3.95
N THR B 196 6.46 1.60 -4.78
CA THR B 196 6.40 1.99 -6.19
C THR B 196 5.72 3.35 -6.36
N ASN B 197 5.21 3.90 -5.25
CA ASN B 197 4.56 5.20 -5.27
C ASN B 197 5.62 6.25 -5.62
N PRO B 198 5.25 7.29 -6.40
CA PRO B 198 6.20 8.33 -6.78
C PRO B 198 6.96 8.99 -5.63
N GLN B 199 6.31 9.12 -4.48
CA GLN B 199 6.96 9.74 -3.32
C GLN B 199 8.12 8.91 -2.79
N PHE B 200 8.11 7.61 -3.06
CA PHE B 200 9.18 6.73 -2.61
C PHE B 200 10.27 6.53 -3.67
N GLY B 201 9.86 6.53 -4.93
CA GLY B 201 10.83 6.34 -6.00
C GLY B 201 11.40 4.94 -6.14
N GLN B 202 10.51 3.94 -6.02
CA GLN B 202 10.87 2.53 -6.15
C GLN B 202 11.59 1.83 -4.99
N PHE B 203 12.01 2.56 -3.97
CA PHE B 203 12.69 1.95 -2.83
C PHE B 203 12.41 2.72 -1.54
N GLY B 204 12.96 2.24 -0.44
CA GLY B 204 12.77 2.91 0.84
C GLY B 204 13.34 2.17 2.04
N GLY B 205 13.41 2.87 3.18
CA GLY B 205 13.91 2.27 4.40
C GLY B 205 12.78 1.50 5.06
N LEU B 206 13.11 0.39 5.71
CA LEU B 206 12.10 -0.45 6.35
C LEU B 206 12.47 -0.87 7.77
N ALA B 207 11.51 -0.70 8.67
CA ALA B 207 11.68 -1.09 10.06
C ALA B 207 10.42 -1.83 10.46
N TRP B 209 8.97 -5.87 12.60
CA TRP B 209 9.18 -6.95 13.54
C TRP B 209 9.85 -6.42 14.79
N SER B 212 10.89 -7.75 21.86
CA SER B 212 11.31 -7.57 23.24
C SER B 212 12.53 -8.49 23.40
N PRO B 213 13.32 -8.29 24.45
CA PRO B 213 14.48 -9.17 24.60
C PRO B 213 14.06 -10.65 24.58
N ALA B 214 12.92 -10.95 25.19
CA ALA B 214 12.42 -12.32 25.25
C ALA B 214 12.05 -12.86 23.88
N GLN B 215 11.43 -12.03 23.06
CA GLN B 215 11.04 -12.47 21.72
C GLN B 215 12.28 -12.64 20.85
N LEU B 216 13.28 -11.78 21.07
CA LEU B 216 14.52 -11.83 20.30
C LEU B 216 15.12 -13.23 20.28
N GLY B 217 15.26 -13.81 21.46
CA GLY B 217 15.84 -15.14 21.60
C GLY B 217 15.22 -16.17 20.69
N GLY B 218 13.92 -16.36 20.82
CA GLY B 218 13.23 -17.34 20.00
C GLY B 218 13.27 -16.98 18.52
N ALA B 219 13.04 -15.71 18.22
CA ALA B 219 13.02 -15.23 16.85
C ALA B 219 14.34 -15.34 16.11
N LEU B 220 15.44 -15.42 16.86
CA LEU B 220 16.76 -15.47 16.24
C LEU B 220 17.62 -16.69 16.54
N PRO B 221 17.24 -17.86 16.00
CA PRO B 221 18.03 -19.07 16.24
C PRO B 221 19.34 -19.12 15.44
N VAL B 222 19.39 -18.43 14.31
CA VAL B 222 20.61 -18.41 13.49
C VAL B 222 21.43 -17.23 13.95
N ARG B 223 22.47 -17.51 14.74
CA ARG B 223 23.30 -16.46 15.32
C ARG B 223 24.76 -16.44 14.95
N GLY B 224 25.40 -15.31 15.28
CA GLY B 224 26.81 -15.12 15.01
C GLY B 224 27.09 -14.90 13.53
N THR B 225 26.04 -14.64 12.76
CA THR B 225 26.20 -14.45 11.32
C THR B 225 26.95 -13.18 10.91
N LEU B 226 26.91 -12.13 11.73
CA LEU B 226 27.60 -10.90 11.36
C LEU B 226 29.11 -11.08 11.57
N SER B 227 29.50 -11.55 12.76
CA SER B 227 30.91 -11.75 13.02
C SER B 227 31.44 -12.88 12.10
N ARG B 228 30.56 -13.82 11.76
CA ARG B 228 30.90 -14.91 10.86
C ARG B 228 31.26 -14.31 9.50
N ALA B 229 30.49 -13.30 9.10
CA ALA B 229 30.72 -12.64 7.83
C ALA B 229 32.02 -11.83 7.88
N LEU B 230 32.24 -11.12 8.97
CA LEU B 230 33.45 -10.32 9.14
C LEU B 230 34.70 -11.20 9.15
N LYS B 231 34.61 -12.31 9.87
CA LYS B 231 35.74 -13.24 9.96
C LYS B 231 36.18 -13.72 8.56
N LEU B 232 35.22 -14.15 7.74
CA LEU B 232 35.53 -14.62 6.39
C LEU B 232 36.05 -13.48 5.51
N GLY B 233 35.35 -12.35 5.57
CA GLY B 233 35.73 -11.20 4.78
C GLY B 233 37.14 -10.75 5.04
N ARG B 234 37.55 -10.78 6.31
CA ARG B 234 38.90 -10.39 6.69
C ARG B 234 39.88 -11.38 6.05
N ALA B 235 39.55 -12.66 6.13
CA ALA B 235 40.38 -13.69 5.54
C ALA B 235 40.55 -13.43 4.04
N LEU B 236 39.46 -13.04 3.39
CA LEU B 236 39.47 -12.77 1.96
C LEU B 236 40.35 -11.57 1.66
N GLN B 237 40.20 -10.53 2.47
CA GLN B 237 40.95 -9.31 2.28
C GLN B 237 42.45 -9.47 2.58
N ASP B 238 42.78 -10.39 3.49
CA ASP B 238 44.18 -10.64 3.84
C ASP B 238 44.81 -11.67 2.92
N GLY B 239 44.13 -11.96 1.80
CA GLY B 239 44.63 -12.94 0.85
C GLY B 239 44.82 -14.35 1.39
N LYS B 240 44.05 -14.71 2.42
CA LYS B 240 44.14 -16.03 3.01
C LYS B 240 43.46 -17.14 2.19
N VAL B 241 42.53 -16.77 1.32
CA VAL B 241 41.82 -17.75 0.51
C VAL B 241 41.65 -17.28 -0.94
N LYS B 242 42.43 -17.89 -1.83
CA LYS B 242 42.41 -17.52 -3.24
C LYS B 242 41.84 -18.58 -4.18
N THR B 243 41.52 -19.76 -3.64
CA THR B 243 40.96 -20.83 -4.46
C THR B 243 39.73 -21.43 -3.78
N ALA B 244 38.90 -22.08 -4.59
CA ALA B 244 37.69 -22.70 -4.10
C ALA B 244 38.06 -23.75 -3.07
N GLU B 245 39.18 -24.42 -3.32
CA GLU B 245 39.70 -25.45 -2.45
C GLU B 245 40.02 -24.83 -1.09
N ALA B 246 40.75 -23.71 -1.12
CA ALA B 246 41.11 -23.00 0.10
C ALA B 246 39.86 -22.51 0.85
N LEU B 248 36.82 -23.83 0.78
CA LEU B 248 36.20 -24.99 1.41
C LEU B 248 36.94 -25.38 2.68
N ASP B 249 38.27 -25.31 2.62
CA ASP B 249 39.11 -25.62 3.76
C ASP B 249 38.89 -24.62 4.89
N PHE B 250 38.88 -23.34 4.55
CA PHE B 250 38.69 -22.27 5.54
C PHE B 250 37.36 -22.41 6.25
N LEU B 251 36.30 -22.60 5.48
CA LEU B 251 34.96 -22.73 6.04
C LEU B 251 34.91 -23.86 7.05
N ARG B 252 35.66 -24.92 6.76
CA ARG B 252 35.69 -26.09 7.63
C ARG B 252 36.55 -25.93 8.87
N ARG B 253 37.77 -25.43 8.69
CA ARG B 253 38.70 -25.26 9.82
C ARG B 253 38.36 -24.09 10.71
N GLU B 254 38.05 -22.95 10.09
CA GLU B 254 37.75 -21.73 10.81
C GLU B 254 36.30 -21.44 11.18
N LEU B 255 35.36 -21.93 10.37
CA LEU B 255 33.95 -21.66 10.65
C LEU B 255 33.08 -22.88 10.90
N ASP B 256 33.68 -24.06 10.90
CA ASP B 256 32.93 -25.30 11.15
C ASP B 256 31.76 -25.44 10.16
N ILE B 257 32.02 -25.15 8.90
CA ILE B 257 31.00 -25.24 7.86
C ILE B 257 31.46 -26.22 6.79
N LYS B 258 30.70 -27.29 6.59
CA LYS B 258 31.05 -28.29 5.58
C LYS B 258 30.43 -27.94 4.23
N GLY B 259 31.11 -27.06 3.49
CA GLY B 259 30.62 -26.65 2.19
C GLY B 259 30.81 -27.73 1.15
N LYS B 260 30.17 -27.57 -0.01
CA LYS B 260 30.27 -28.54 -1.07
C LYS B 260 30.50 -27.88 -2.43
N LEU B 261 31.52 -28.33 -3.16
CA LEU B 261 31.82 -27.79 -4.48
C LEU B 261 30.81 -28.40 -5.45
N LEU B 262 29.99 -27.57 -6.06
CA LEU B 262 28.98 -28.08 -6.99
C LEU B 262 29.48 -28.13 -8.42
N PHE B 263 30.20 -27.10 -8.85
CA PHE B 263 30.68 -27.05 -10.22
C PHE B 263 31.91 -26.16 -10.32
N GLY B 264 32.75 -26.42 -11.32
CA GLY B 264 33.94 -25.63 -11.53
C GLY B 264 35.20 -26.11 -10.84
N PRO B 265 36.29 -25.34 -10.89
CA PRO B 265 36.44 -24.04 -11.56
C PRO B 265 36.09 -24.05 -13.04
N ALA B 266 35.42 -22.99 -13.51
CA ALA B 266 35.00 -22.90 -14.90
C ALA B 266 34.81 -21.45 -15.34
N THR B 267 34.49 -21.23 -16.61
CA THR B 267 34.29 -19.89 -17.12
C THR B 267 32.81 -19.50 -17.13
N LEU B 268 32.55 -18.20 -16.94
CA LEU B 268 31.18 -17.68 -16.93
C LEU B 268 30.67 -17.39 -18.34
N ALA B 269 29.34 -17.31 -18.48
CA ALA B 269 28.73 -17.01 -19.78
C ALA B 269 28.30 -15.55 -19.77
N SER B 270 27.89 -15.05 -20.92
CA SER B 270 27.50 -13.65 -21.03
C SER B 270 26.05 -13.27 -20.69
N PRO B 271 25.05 -13.75 -21.47
CA PRO B 271 23.67 -13.38 -21.14
C PRO B 271 23.18 -13.96 -19.81
N GLY B 282 16.24 -15.10 -14.97
CA GLY B 282 17.46 -14.81 -14.23
C GLY B 282 18.30 -16.06 -14.08
N LYS B 283 19.37 -16.14 -14.84
CA LYS B 283 20.25 -17.30 -14.79
C LYS B 283 21.71 -16.95 -15.04
N VAL B 284 22.59 -17.78 -14.49
CA VAL B 284 24.03 -17.61 -14.65
C VAL B 284 24.53 -18.97 -15.11
N VAL B 285 25.25 -18.98 -16.22
CA VAL B 285 25.77 -20.24 -16.77
C VAL B 285 27.29 -20.32 -16.69
N LEU B 286 27.77 -21.52 -16.38
CA LEU B 286 29.20 -21.76 -16.31
C LEU B 286 29.47 -22.97 -17.18
N GLU B 287 30.61 -22.95 -17.86
CA GLU B 287 30.96 -24.07 -18.73
C GLU B 287 32.35 -24.59 -18.44
N ASP B 288 32.43 -25.90 -18.23
CA ASP B 288 33.70 -26.53 -17.95
C ASP B 288 33.89 -27.65 -18.97
N GLY B 289 34.59 -27.32 -20.04
CA GLY B 289 34.83 -28.30 -21.09
C GLY B 289 33.54 -28.67 -21.80
N GLU B 290 33.02 -29.85 -21.47
CA GLU B 290 31.79 -30.34 -22.09
C GLU B 290 30.59 -30.22 -21.14
N ARG B 291 30.85 -30.00 -19.85
CA ARG B 291 29.77 -29.85 -18.89
C ARG B 291 29.28 -28.42 -18.72
N ARG B 292 28.01 -28.26 -18.37
CA ARG B 292 27.42 -26.95 -18.18
C ARG B 292 26.56 -26.86 -16.91
N CYS B 293 26.73 -25.78 -16.17
CA CYS B 293 25.96 -25.55 -14.95
C CYS B 293 25.20 -24.24 -15.05
N THR B 294 23.92 -24.29 -14.71
CA THR B 294 23.11 -23.09 -14.75
C THR B 294 22.53 -22.85 -13.37
N VAL B 295 22.78 -21.67 -12.84
CA VAL B 295 22.28 -21.26 -11.53
C VAL B 295 21.08 -20.36 -11.79
N LEU B 296 19.93 -20.72 -11.23
CA LEU B 296 18.72 -19.95 -11.42
C LEU B 296 18.50 -19.04 -10.22
N TYR B 297 18.14 -17.80 -10.48
CA TYR B 297 17.94 -16.84 -9.40
C TYR B 297 16.87 -15.80 -9.66
N GLN B 298 16.40 -15.18 -8.58
CA GLN B 298 15.44 -14.11 -8.65
C GLN B 298 16.40 -12.96 -8.34
N ASN B 299 16.93 -13.00 -7.12
CA ASN B 299 17.94 -12.07 -6.66
C ASN B 299 18.92 -13.06 -6.05
N GLU B 300 18.38 -13.90 -5.16
CA GLU B 300 19.16 -14.94 -4.50
C GLU B 300 19.22 -16.14 -5.45
N SER B 301 20.33 -16.86 -5.42
CA SER B 301 20.45 -18.04 -6.25
C SER B 301 19.64 -19.11 -5.51
N LEU B 302 18.73 -19.76 -6.22
CA LEU B 302 17.86 -20.76 -5.63
C LEU B 302 18.07 -22.18 -6.13
N LEU B 303 18.57 -22.34 -7.35
CA LEU B 303 18.80 -23.67 -7.89
C LEU B 303 20.03 -23.74 -8.79
N ALA B 304 20.71 -24.89 -8.75
CA ALA B 304 21.90 -25.11 -9.55
C ALA B 304 21.66 -26.39 -10.36
N TRP B 305 21.78 -26.28 -11.68
CA TRP B 305 21.56 -27.41 -12.57
C TRP B 305 22.78 -27.80 -13.41
N ASP B 306 23.01 -29.11 -13.53
CA ASP B 306 24.08 -29.62 -14.37
C ASP B 306 23.32 -30.24 -15.54
N SER B 307 23.52 -29.69 -16.73
CA SER B 307 22.85 -30.16 -17.94
C SER B 307 22.79 -31.68 -18.07
N ALA B 308 23.72 -32.38 -17.42
CA ALA B 308 23.78 -33.83 -17.51
C ALA B 308 22.97 -34.58 -16.45
N LEU B 309 22.45 -33.88 -15.46
CA LEU B 309 21.68 -34.56 -14.41
C LEU B 309 20.21 -34.13 -14.37
N SER B 310 19.33 -35.12 -14.19
CA SER B 310 17.88 -34.86 -14.16
C SER B 310 17.39 -34.22 -12.86
N HIS B 311 18.22 -34.24 -11.82
CA HIS B 311 17.88 -33.63 -10.54
C HIS B 311 18.85 -32.48 -10.35
N PRO B 312 18.46 -31.42 -9.63
CA PRO B 312 19.40 -30.31 -9.44
C PRO B 312 20.59 -30.67 -8.57
N LEU B 313 21.68 -29.91 -8.73
CA LEU B 313 22.88 -30.12 -7.95
C LEU B 313 22.66 -29.67 -6.51
N ALA B 314 21.87 -28.61 -6.34
CA ALA B 314 21.57 -28.07 -5.03
C ALA B 314 20.31 -27.22 -5.10
N THR B 315 19.69 -26.99 -3.96
CA THR B 315 18.48 -26.19 -3.92
C THR B 315 18.33 -25.47 -2.59
N ALA B 316 17.67 -24.32 -2.61
CA ALA B 316 17.45 -23.58 -1.38
C ALA B 316 16.63 -24.53 -0.51
N PRO B 317 16.70 -24.40 0.82
CA PRO B 317 17.44 -23.45 1.64
C PRO B 317 18.96 -23.49 1.61
N ASP B 318 19.56 -24.52 1.03
CA ASP B 318 21.03 -24.54 0.97
C ASP B 318 21.47 -23.35 0.14
N ALA B 319 22.51 -22.67 0.61
CA ALA B 319 23.05 -21.51 -0.06
C ALA B 319 23.87 -21.92 -1.28
N ILE B 320 23.80 -21.09 -2.32
CA ILE B 320 24.55 -21.32 -3.55
C ILE B 320 25.35 -20.05 -3.75
N SER B 321 26.67 -20.17 -3.73
CA SER B 321 27.53 -19.01 -3.88
C SER B 321 28.69 -19.22 -4.83
N TYR B 322 29.18 -18.11 -5.38
CA TYR B 322 30.30 -18.15 -6.32
C TYR B 322 31.63 -17.86 -5.65
N PHE B 323 32.69 -18.33 -6.29
CA PHE B 323 34.04 -18.06 -5.85
C PHE B 323 34.86 -17.98 -7.11
N VAL B 324 35.42 -16.80 -7.36
CA VAL B 324 36.25 -16.59 -8.53
C VAL B 324 37.68 -16.67 -8.05
N GLU B 325 38.45 -17.57 -8.65
CA GLU B 325 39.83 -17.75 -8.27
C GLU B 325 40.75 -16.70 -8.89
N GLY B 326 41.98 -16.63 -8.39
CA GLY B 326 42.93 -15.65 -8.87
C GLY B 326 43.21 -14.61 -7.81
N GLU B 327 43.54 -13.40 -8.24
CA GLU B 327 43.79 -12.31 -7.32
C GLU B 327 42.67 -11.29 -7.49
N GLY B 328 42.21 -10.72 -6.39
CA GLY B 328 41.15 -9.74 -6.49
C GLY B 328 39.83 -10.20 -5.89
N GLN B 329 38.74 -9.65 -6.40
CA GLN B 329 37.41 -9.99 -5.92
C GLN B 329 37.09 -11.46 -6.13
N HIS B 330 36.80 -12.16 -5.04
CA HIS B 330 36.49 -13.58 -5.09
C HIS B 330 34.98 -13.84 -4.97
N VAL B 331 34.26 -12.91 -4.36
CA VAL B 331 32.81 -13.05 -4.15
C VAL B 331 31.98 -12.00 -4.88
N PHE B 332 30.81 -12.44 -5.37
CA PHE B 332 29.91 -11.58 -6.13
C PHE B 332 28.47 -12.02 -5.93
N SER B 333 27.55 -11.08 -5.81
CA SER B 333 26.16 -11.45 -5.72
C SER B 333 25.80 -11.51 -7.19
N ASN B 334 24.64 -12.06 -7.53
CA ASN B 334 24.26 -12.11 -8.93
C ASN B 334 24.29 -10.71 -9.52
N GLY B 335 23.85 -9.73 -8.73
CA GLY B 335 23.84 -8.36 -9.20
C GLY B 335 25.22 -7.76 -9.43
N ASP B 336 26.21 -8.26 -8.70
CA ASP B 336 27.58 -7.77 -8.81
C ASP B 336 28.32 -8.33 -10.03
N LEU B 337 27.77 -9.38 -10.63
CA LEU B 337 28.36 -10.02 -11.80
C LEU B 337 28.07 -9.23 -13.08
N SER B 338 26.91 -8.60 -13.14
CA SER B 338 26.53 -7.81 -14.32
C SER B 338 27.53 -6.67 -14.48
N GLY B 339 28.15 -6.59 -15.66
CA GLY B 339 29.13 -5.55 -15.90
C GLY B 339 29.14 -5.01 -17.33
N ASN B 340 30.22 -4.31 -17.68
CA ASN B 340 30.34 -3.71 -19.02
C ASN B 340 31.20 -4.47 -20.04
N ASP B 341 31.89 -5.52 -19.61
CA ASP B 341 32.73 -6.29 -20.54
C ASP B 341 31.81 -6.98 -21.54
N HIS B 342 31.58 -8.28 -21.35
CA HIS B 342 30.68 -9.03 -22.23
C HIS B 342 29.36 -9.16 -21.48
N GLY B 343 28.98 -8.08 -20.81
CA GLY B 343 27.75 -8.07 -20.03
C GLY B 343 28.09 -8.44 -18.61
N LEU B 344 29.34 -8.86 -18.40
CA LEU B 344 29.84 -9.26 -17.09
C LEU B 344 30.81 -8.21 -16.57
N ASP B 345 31.21 -8.35 -15.31
CA ASP B 345 32.17 -7.45 -14.69
C ASP B 345 33.45 -7.66 -15.49
N PRO B 346 34.19 -6.58 -15.79
CA PRO B 346 35.43 -6.71 -16.55
C PRO B 346 36.43 -7.73 -16.01
N SER B 347 36.56 -7.81 -14.70
CA SER B 347 37.50 -8.72 -14.06
C SER B 347 37.00 -10.16 -13.87
N VAL B 348 35.74 -10.41 -14.22
CA VAL B 348 35.18 -11.75 -14.05
C VAL B 348 35.65 -12.76 -15.10
N ARG B 349 35.23 -12.53 -16.34
CA ARG B 349 35.53 -13.40 -17.48
C ARG B 349 36.93 -14.04 -17.54
N GLY B 350 37.96 -13.23 -17.39
CA GLY B 350 39.32 -13.74 -17.46
C GLY B 350 39.69 -14.84 -16.47
N ARG B 351 38.95 -14.93 -15.37
CA ARG B 351 39.26 -15.92 -14.35
C ARG B 351 38.22 -17.02 -14.24
N LYS B 352 38.64 -18.19 -13.76
CA LYS B 352 37.76 -19.34 -13.61
C LYS B 352 37.05 -19.26 -12.25
N ALA B 353 35.77 -19.59 -12.25
CA ALA B 353 34.97 -19.54 -11.04
C ALA B 353 34.31 -20.87 -10.72
N ALA B 354 34.00 -21.05 -9.44
CA ALA B 354 33.36 -22.28 -8.99
C ALA B 354 32.04 -21.95 -8.30
N VAL B 355 31.17 -22.95 -8.18
CA VAL B 355 29.89 -22.76 -7.51
C VAL B 355 29.96 -23.62 -6.26
N ILE B 356 29.71 -23.02 -5.11
CA ILE B 356 29.75 -23.75 -3.85
C ILE B 356 28.40 -23.72 -3.17
N ALA B 357 28.01 -24.86 -2.60
CA ALA B 357 26.75 -24.97 -1.88
C ALA B 357 27.08 -25.00 -0.39
N LEU B 358 26.30 -24.29 0.39
CA LEU B 358 26.52 -24.27 1.84
C LEU B 358 25.29 -24.91 2.47
N PRO B 359 25.49 -25.92 3.33
CA PRO B 359 24.33 -26.55 3.94
C PRO B 359 23.53 -25.53 4.73
N ALA B 360 22.21 -25.62 4.65
CA ALA B 360 21.34 -24.68 5.35
C ALA B 360 21.45 -24.82 6.86
N ALA B 361 21.17 -23.73 7.55
CA ALA B 361 21.19 -23.73 9.01
C ALA B 361 19.95 -24.56 9.38
N ALA B 362 20.07 -25.33 10.45
CA ALA B 362 18.98 -26.19 10.91
C ALA B 362 17.59 -25.56 10.96
N PRO B 363 17.47 -24.32 11.46
CA PRO B 363 16.12 -23.72 11.51
C PRO B 363 15.43 -23.57 10.15
N LEU B 364 16.21 -23.54 9.08
CA LEU B 364 15.65 -23.37 7.73
C LEU B 364 15.20 -24.66 7.07
N SER B 365 15.78 -25.78 7.51
CA SER B 365 15.48 -27.09 6.93
C SER B 365 14.40 -27.88 7.67
N GLU B 366 13.38 -27.19 8.16
CA GLU B 366 12.31 -27.88 8.89
C GLU B 366 11.09 -27.00 9.06
N GLY B 367 9.97 -27.62 9.42
CA GLY B 367 8.73 -26.90 9.64
C GLY B 367 8.21 -25.98 8.55
N LEU B 368 7.63 -24.88 8.98
CA LEU B 368 7.04 -23.89 8.09
C LEU B 368 8.00 -23.22 7.10
N ILE B 369 9.19 -22.87 7.56
CA ILE B 369 10.17 -22.22 6.69
C ILE B 369 10.51 -23.12 5.51
N LEU B 370 10.59 -24.42 5.76
CA LEU B 370 10.91 -25.37 4.70
C LEU B 370 9.83 -25.32 3.60
N GLN B 371 8.57 -25.35 4.01
CA GLN B 371 7.44 -25.30 3.07
C GLN B 371 7.44 -23.99 2.29
N SER B 372 7.90 -22.93 2.94
CA SER B 372 7.95 -21.62 2.31
C SER B 372 8.97 -21.68 1.16
N PHE B 373 10.07 -22.38 1.40
CA PHE B 373 11.11 -22.54 0.39
C PHE B 373 10.62 -23.44 -0.74
N ALA B 374 9.80 -24.43 -0.39
CA ALA B 374 9.24 -25.34 -1.38
C ALA B 374 8.33 -24.59 -2.33
N ASP B 375 7.43 -23.76 -1.78
CA ASP B 375 6.51 -23.00 -2.61
C ASP B 375 7.26 -22.07 -3.56
N GLU B 376 8.32 -21.44 -3.05
CA GLU B 376 9.10 -20.53 -3.87
C GLU B 376 9.70 -21.32 -5.03
N LEU B 377 10.38 -22.41 -4.71
CA LEU B 377 11.01 -23.26 -5.70
C LEU B 377 10.02 -23.78 -6.74
N ALA B 378 8.82 -24.13 -6.28
CA ALA B 378 7.78 -24.65 -7.17
C ALA B 378 7.45 -23.64 -8.26
N GLN B 379 7.28 -22.39 -7.86
CA GLN B 379 6.96 -21.33 -8.80
C GLN B 379 8.07 -21.17 -9.83
N LEU B 380 9.22 -21.79 -9.57
CA LEU B 380 10.35 -21.72 -10.49
C LEU B 380 10.50 -23.03 -11.24
N GLY B 381 9.49 -23.88 -11.14
CA GLY B 381 9.51 -25.16 -11.84
C GLY B 381 9.92 -26.40 -11.09
N TYR B 382 10.67 -26.25 -9.99
CA TYR B 382 11.10 -27.42 -9.22
C TYR B 382 10.08 -27.84 -8.18
N LEU B 383 9.40 -28.94 -8.44
CA LEU B 383 8.38 -29.46 -7.54
C LEU B 383 8.91 -30.64 -6.72
N GLY B 384 10.21 -30.88 -6.80
CA GLY B 384 10.79 -31.98 -6.07
C GLY B 384 11.02 -31.67 -4.60
N PRO B 385 11.44 -32.66 -3.79
CA PRO B 385 11.67 -32.41 -2.36
C PRO B 385 13.05 -31.81 -2.09
N TYR B 386 13.24 -31.28 -0.88
CA TYR B 386 14.53 -30.70 -0.49
C TYR B 386 15.52 -31.83 -0.32
N ALA B 387 16.70 -31.67 -0.92
CA ALA B 387 17.76 -32.67 -0.80
C ALA B 387 19.01 -31.98 -0.24
N PRO B 388 19.19 -32.01 1.08
CA PRO B 388 20.35 -31.37 1.71
C PRO B 388 21.67 -31.77 1.06
N VAL B 389 22.53 -30.79 0.83
CA VAL B 389 23.83 -31.05 0.24
C VAL B 389 24.67 -31.82 1.27
N ASP B 390 24.37 -31.60 2.54
CA ASP B 390 25.06 -32.28 3.64
C ASP B 390 24.09 -33.12 4.43
#